data_8ZJ5
#
_entry.id   8ZJ5
#
_cell.length_a   87.041
_cell.length_b   94.469
_cell.length_c   167.425
_cell.angle_alpha   90
_cell.angle_beta   90
_cell.angle_gamma   90
#
_symmetry.space_group_name_H-M   'P 2 21 21'
#
loop_
_entity.id
_entity.type
_entity.pdbx_description
1 polymer '4-hydroxythreonine-4-phosphate dehydrogenase'
2 non-polymer 'ZINC ION'
3 non-polymer '3,4-DIHYDROXYBENZOIC ACID'
4 water water
#
_entity_poly.entity_id   1
_entity_poly.type   'polypeptide(L)'
_entity_poly.pdbx_seq_one_letter_code
;MGSSHHHHHHSSGLVPRGSHAMTIVHRRLALAIGDPHGIGPEIALKALQQLSATERSLIKVYGPWSALEQAAQICQMESL
LQDLIHEEAGSLAQPVQCGEITPQAGLSTVQSATAAIRACESGEVDAVIACPHHETAIHRAGIAFSGYPSLLANVLGMNE
DEVFLMLVGAGLRIVHVTLHESVRSALERLSPQLVINAVDAAVQTCTLLGVPKPQVAVFGINPHASEGQLFGLEDSQITV
PAVETLRKRGLTVDGPMGADMVLAQRKHDLYVAMLHDQGHIPIKLLAPNGASALSIGGRVVLSSVGHGSAMDIAGRGVAD
ATALLRTIALLGAQPV
;
_entity_poly.pdbx_strand_id   A,B,C,D
#
# COMPACT_ATOMS: atom_id res chain seq x y z
N MET A 22 -28.66 -6.57 42.33
CA MET A 22 -28.35 -7.96 41.92
C MET A 22 -27.21 -7.95 40.89
N THR A 23 -26.36 -8.97 41.02
CA THR A 23 -25.04 -9.04 40.41
C THR A 23 -25.13 -9.93 39.18
N ILE A 24 -24.67 -9.41 38.02
CA ILE A 24 -24.79 -10.16 36.77
C ILE A 24 -23.41 -10.59 36.25
N VAL A 25 -22.33 -9.97 36.74
CA VAL A 25 -20.98 -10.27 36.30
C VAL A 25 -20.26 -11.08 37.38
N HIS A 26 -19.91 -12.34 37.06
CA HIS A 26 -19.37 -13.25 38.05
C HIS A 26 -17.97 -13.72 37.68
N ARG A 27 -17.38 -13.12 36.65
CA ARG A 27 -16.07 -13.54 36.18
C ARG A 27 -15.46 -12.44 35.31
N ARG A 28 -14.19 -12.65 34.94
CA ARG A 28 -13.42 -11.66 34.18
C ARG A 28 -13.84 -11.71 32.72
N LEU A 29 -14.03 -10.51 32.13
CA LEU A 29 -14.50 -10.38 30.75
C LEU A 29 -13.74 -9.27 30.05
N ALA A 30 -13.61 -9.41 28.72
CA ALA A 30 -13.07 -8.36 27.88
C ALA A 30 -14.21 -7.72 27.10
N LEU A 31 -14.23 -6.39 27.02
CA LEU A 31 -15.24 -5.68 26.27
C LEU A 31 -14.56 -4.80 25.23
N ALA A 32 -14.46 -5.30 24.01
CA ALA A 32 -13.98 -4.50 22.89
C ALA A 32 -15.09 -3.55 22.46
N ILE A 33 -14.76 -2.27 22.27
CA ILE A 33 -15.80 -1.26 22.17
C ILE A 33 -16.29 -1.07 20.73
N GLY A 34 -15.80 -1.88 19.79
CA GLY A 34 -16.33 -1.85 18.45
C GLY A 34 -15.88 -0.61 17.69
N ASP A 35 -16.67 -0.21 16.70
CA ASP A 35 -16.35 0.94 15.88
C ASP A 35 -16.40 2.18 16.75
N PRO A 36 -15.28 2.94 16.84
CA PRO A 36 -15.22 4.10 17.74
C PRO A 36 -16.03 5.33 17.30
N HIS A 37 -16.56 5.27 16.07
CA HIS A 37 -17.40 6.31 15.54
C HIS A 37 -18.88 5.96 15.73
N GLY A 38 -19.15 4.70 16.09
CA GLY A 38 -20.52 4.26 16.32
C GLY A 38 -20.99 4.50 17.76
N ILE A 39 -22.03 3.77 18.16
CA ILE A 39 -22.62 3.86 19.49
C ILE A 39 -21.95 2.87 20.44
N GLY A 40 -20.92 2.17 19.96
CA GLY A 40 -20.24 1.14 20.74
C GLY A 40 -19.63 1.72 22.02
N PRO A 41 -18.78 2.76 21.91
CA PRO A 41 -18.27 3.46 23.09
C PRO A 41 -19.37 3.93 24.04
N GLU A 42 -20.43 4.47 23.45
CA GLU A 42 -21.56 5.00 24.20
C GLU A 42 -22.21 3.89 25.03
N ILE A 43 -22.52 2.75 24.39
CA ILE A 43 -23.20 1.67 25.09
C ILE A 43 -22.25 1.01 26.08
N ALA A 44 -20.95 0.96 25.78
CA ALA A 44 -19.99 0.41 26.70
C ALA A 44 -20.07 1.14 28.05
N LEU A 45 -20.07 2.46 28.02
CA LEU A 45 -20.11 3.26 29.24
C LEU A 45 -21.45 3.10 29.94
N LYS A 46 -22.54 3.15 29.18
CA LYS A 46 -23.87 3.11 29.77
C LYS A 46 -24.07 1.79 30.52
N ALA A 47 -23.47 0.70 30.03
CA ALA A 47 -23.62 -0.62 30.63
C ALA A 47 -22.76 -0.76 31.88
N LEU A 48 -21.53 -0.23 31.85
CA LEU A 48 -20.65 -0.26 33.01
C LEU A 48 -21.21 0.65 34.10
N GLN A 49 -21.76 1.81 33.70
CA GLN A 49 -22.49 2.69 34.60
C GLN A 49 -23.40 1.87 35.50
N GLN A 50 -24.16 0.95 34.91
CA GLN A 50 -25.24 0.27 35.61
C GLN A 50 -24.74 -0.87 36.49
N LEU A 51 -23.46 -1.25 36.36
CA LEU A 51 -22.89 -2.25 37.23
C LEU A 51 -22.42 -1.61 38.53
N SER A 52 -22.18 -2.43 39.54
CA SER A 52 -21.57 -1.99 40.79
C SER A 52 -20.06 -1.83 40.60
N ALA A 53 -19.40 -1.22 41.60
CA ALA A 53 -17.98 -0.93 41.50
C ALA A 53 -17.18 -2.22 41.33
N THR A 54 -17.57 -3.27 42.07
CA THR A 54 -16.90 -4.56 42.05
C THR A 54 -17.06 -5.21 40.67
N GLU A 55 -18.26 -5.09 40.10
CA GLU A 55 -18.57 -5.67 38.81
C GLU A 55 -17.72 -5.01 37.73
N ARG A 56 -17.47 -3.70 37.88
CA ARG A 56 -16.74 -2.92 36.90
C ARG A 56 -15.29 -3.38 36.80
N SER A 57 -14.75 -3.88 37.92
CA SER A 57 -13.35 -4.24 37.97
C SER A 57 -13.10 -5.58 37.30
N LEU A 58 -14.17 -6.31 36.96
CA LEU A 58 -14.02 -7.58 36.27
C LEU A 58 -14.08 -7.41 34.74
N ILE A 59 -14.41 -6.19 34.28
CA ILE A 59 -14.56 -5.95 32.86
C ILE A 59 -13.43 -5.06 32.36
N LYS A 60 -12.53 -5.64 31.58
CA LYS A 60 -11.43 -4.92 30.97
C LYS A 60 -11.88 -4.42 29.59
N VAL A 61 -11.79 -3.11 29.38
CA VAL A 61 -12.31 -2.46 28.19
C VAL A 61 -11.19 -2.28 27.18
N TYR A 62 -11.39 -2.77 25.96
CA TYR A 62 -10.37 -2.70 24.92
C TYR A 62 -10.86 -1.74 23.84
N GLY A 63 -10.02 -0.77 23.50
CA GLY A 63 -10.39 0.26 22.55
C GLY A 63 -9.57 1.52 22.72
N PRO A 64 -9.71 2.50 21.80
CA PRO A 64 -8.99 3.77 21.90
C PRO A 64 -9.59 4.67 22.98
N TRP A 65 -8.72 5.13 23.88
CA TRP A 65 -9.14 5.99 24.98
C TRP A 65 -9.87 7.23 24.45
N SER A 66 -9.44 7.76 23.30
CA SER A 66 -10.00 8.99 22.77
C SER A 66 -11.51 8.85 22.55
N ALA A 67 -11.96 7.64 22.16
CA ALA A 67 -13.35 7.38 21.83
C ALA A 67 -14.19 7.26 23.10
N LEU A 68 -13.59 6.77 24.17
CA LEU A 68 -14.28 6.63 25.46
C LEU A 68 -14.38 8.00 26.12
N GLU A 69 -13.40 8.88 25.87
CA GLU A 69 -13.45 10.26 26.34
C GLU A 69 -14.62 11.00 25.70
N GLN A 70 -14.70 10.89 24.36
CA GLN A 70 -15.79 11.44 23.55
C GLN A 70 -17.15 11.02 24.11
N ALA A 71 -17.34 9.71 24.30
CA ALA A 71 -18.61 9.18 24.76
C ALA A 71 -18.89 9.55 26.21
N ALA A 72 -17.85 9.86 27.00
CA ALA A 72 -18.03 10.22 28.40
C ALA A 72 -18.62 11.63 28.52
N GLN A 73 -18.20 12.56 27.65
CA GLN A 73 -18.78 13.90 27.67
C GLN A 73 -20.24 13.85 27.22
N ILE A 74 -20.50 13.10 26.15
CA ILE A 74 -21.83 12.97 25.56
C ILE A 74 -22.84 12.44 26.59
N CYS A 75 -22.55 11.27 27.18
CA CYS A 75 -23.42 10.60 28.13
C CYS A 75 -23.23 11.17 29.54
N GLN A 76 -22.28 12.11 29.70
CA GLN A 76 -22.06 12.86 30.94
C GLN A 76 -21.60 11.92 32.05
N MET A 77 -20.58 11.11 31.74
CA MET A 77 -20.09 10.06 32.63
C MET A 77 -18.58 10.17 32.79
N GLU A 78 -18.08 11.40 32.95
CA GLU A 78 -16.65 11.62 33.18
C GLU A 78 -16.20 10.86 34.43
N SER A 79 -17.02 10.91 35.49
CA SER A 79 -16.63 10.33 36.78
C SER A 79 -16.16 8.89 36.61
N LEU A 80 -16.73 8.18 35.63
CA LEU A 80 -16.61 6.74 35.48
C LEU A 80 -15.24 6.32 34.92
N LEU A 81 -14.59 7.20 34.13
CA LEU A 81 -13.42 6.83 33.35
C LEU A 81 -12.28 6.37 34.24
N GLN A 82 -12.15 6.97 35.43
CA GLN A 82 -11.06 6.67 36.33
C GLN A 82 -11.20 5.25 36.87
N ASP A 83 -12.45 4.80 37.05
CA ASP A 83 -12.68 3.47 37.59
C ASP A 83 -12.50 2.40 36.52
N LEU A 84 -12.57 2.76 35.23
CA LEU A 84 -12.48 1.75 34.18
C LEU A 84 -11.12 1.06 34.19
N ILE A 85 -11.13 -0.28 34.11
CA ILE A 85 -9.94 -1.03 33.73
C ILE A 85 -9.90 -1.07 32.21
N HIS A 86 -8.78 -0.61 31.64
CA HIS A 86 -8.72 -0.28 30.22
C HIS A 86 -7.35 -0.58 29.65
N GLU A 87 -7.34 -1.13 28.44
CA GLU A 87 -6.12 -1.30 27.67
C GLU A 87 -6.33 -0.57 26.35
N GLU A 88 -5.37 0.31 26.00
CA GLU A 88 -5.38 0.96 24.72
C GLU A 88 -5.26 -0.07 23.60
N ALA A 89 -6.15 0.03 22.61
CA ALA A 89 -6.10 -0.75 21.39
C ALA A 89 -6.81 0.03 20.29
N GLY A 90 -6.37 -0.15 19.04
CA GLY A 90 -6.99 0.54 17.91
C GLY A 90 -7.01 2.05 18.13
N SER A 91 -5.84 2.57 18.52
CA SER A 91 -5.64 4.01 18.66
C SER A 91 -5.87 4.66 17.31
N LEU A 92 -6.33 5.90 17.34
CA LEU A 92 -6.56 6.69 16.14
C LEU A 92 -5.46 7.72 15.98
N ALA A 93 -5.26 8.17 14.74
CA ALA A 93 -4.23 9.15 14.42
C ALA A 93 -4.85 10.52 14.14
N GLN A 94 -6.19 10.61 14.26
CA GLN A 94 -6.95 11.84 14.06
C GLN A 94 -8.12 11.87 15.05
N PRO A 95 -8.78 13.03 15.28
CA PRO A 95 -9.92 13.07 16.20
C PRO A 95 -11.04 12.11 15.84
N VAL A 96 -11.80 11.71 16.85
CA VAL A 96 -12.98 10.89 16.68
C VAL A 96 -14.05 11.71 15.96
N GLN A 97 -14.59 11.15 14.87
CA GLN A 97 -15.69 11.74 14.11
C GLN A 97 -16.94 10.89 14.28
N CYS A 98 -17.80 11.24 15.23
CA CYS A 98 -19.05 10.49 15.45
C CYS A 98 -19.87 10.42 14.15
N GLY A 99 -20.40 9.23 13.86
CA GLY A 99 -21.34 9.05 12.75
C GLY A 99 -20.66 8.77 11.40
N GLU A 100 -19.31 8.84 11.34
CA GLU A 100 -18.62 8.81 10.06
C GLU A 100 -17.99 7.45 9.81
N ILE A 101 -18.17 6.95 8.58
CA ILE A 101 -17.56 5.70 8.14
C ILE A 101 -16.16 5.99 7.60
N THR A 102 -15.10 5.51 8.26
CA THR A 102 -13.73 5.77 7.83
C THR A 102 -12.89 4.51 7.96
N PRO A 103 -11.95 4.24 7.02
CA PRO A 103 -11.05 3.09 7.14
C PRO A 103 -10.38 2.97 8.52
N GLN A 104 -10.07 4.11 9.14
CA GLN A 104 -9.36 4.13 10.40
C GLN A 104 -10.19 3.44 11.48
N ALA A 105 -11.47 3.80 11.55
CA ALA A 105 -12.37 3.23 12.55
C ALA A 105 -12.61 1.76 12.25
N GLY A 106 -12.54 1.39 10.96
CA GLY A 106 -12.58 -0.01 10.56
C GLY A 106 -11.44 -0.78 11.22
N LEU A 107 -10.24 -0.22 11.13
CA LEU A 107 -9.04 -0.85 11.67
C LEU A 107 -9.11 -0.86 13.19
N SER A 108 -9.57 0.24 13.81
CA SER A 108 -9.68 0.33 15.25
C SER A 108 -10.49 -0.85 15.78
N THR A 109 -11.66 -1.08 15.16
CA THR A 109 -12.61 -2.11 15.55
C THR A 109 -11.92 -3.47 15.65
N VAL A 110 -11.15 -3.81 14.60
CA VAL A 110 -10.53 -5.11 14.45
C VAL A 110 -9.37 -5.25 15.43
N GLN A 111 -8.62 -4.17 15.64
CA GLN A 111 -7.50 -4.18 16.57
C GLN A 111 -8.00 -4.36 17.99
N SER A 112 -9.09 -3.63 18.33
CA SER A 112 -9.68 -3.71 19.65
C SER A 112 -10.17 -5.13 19.91
N ALA A 113 -10.90 -5.68 18.94
CA ALA A 113 -11.46 -7.01 19.07
C ALA A 113 -10.33 -8.04 19.11
N THR A 114 -9.27 -7.79 18.34
CA THR A 114 -8.09 -8.65 18.34
C THR A 114 -7.41 -8.59 19.70
N ALA A 115 -7.29 -7.41 20.32
CA ALA A 115 -6.66 -7.29 21.62
C ALA A 115 -7.47 -8.07 22.65
N ALA A 116 -8.80 -7.97 22.56
CA ALA A 116 -9.68 -8.64 23.51
C ALA A 116 -9.55 -10.15 23.39
N ILE A 117 -9.44 -10.66 22.15
CA ILE A 117 -9.45 -12.09 21.91
C ILE A 117 -8.15 -12.71 22.39
N ARG A 118 -7.02 -12.01 22.22
CA ARG A 118 -5.71 -12.49 22.63
C ARG A 118 -5.63 -12.51 24.15
N ALA A 119 -6.38 -11.61 24.79
CA ALA A 119 -6.49 -11.58 26.24
C ALA A 119 -7.23 -12.83 26.73
N CYS A 120 -8.24 -13.27 25.96
CA CYS A 120 -8.97 -14.48 26.26
C CYS A 120 -8.08 -15.71 26.00
N GLU A 121 -7.41 -15.74 24.84
CA GLU A 121 -6.52 -16.84 24.50
C GLU A 121 -5.51 -17.08 25.62
N SER A 122 -4.88 -16.01 26.10
CA SER A 122 -3.76 -16.12 27.04
C SER A 122 -4.26 -16.39 28.46
N GLY A 123 -5.58 -16.21 28.70
CA GLY A 123 -6.19 -16.58 29.96
C GLY A 123 -6.43 -15.40 30.91
N GLU A 124 -6.17 -14.17 30.44
CA GLU A 124 -6.37 -13.00 31.27
C GLU A 124 -7.85 -12.77 31.53
N VAL A 125 -8.71 -13.20 30.58
CA VAL A 125 -10.14 -13.13 30.76
C VAL A 125 -10.75 -14.45 30.28
N ASP A 126 -12.03 -14.67 30.62
CA ASP A 126 -12.68 -15.95 30.39
C ASP A 126 -13.58 -15.88 29.16
N ALA A 127 -13.94 -14.69 28.73
CA ALA A 127 -14.71 -14.54 27.51
C ALA A 127 -14.65 -13.10 27.04
N VAL A 128 -15.16 -12.86 25.83
CA VAL A 128 -15.08 -11.55 25.19
C VAL A 128 -16.46 -11.13 24.70
N ILE A 129 -16.78 -9.85 24.90
CA ILE A 129 -17.93 -9.23 24.27
C ILE A 129 -17.45 -8.12 23.34
N ALA A 130 -17.89 -8.15 22.08
CA ALA A 130 -17.55 -7.14 21.10
C ALA A 130 -18.76 -6.27 20.82
N CYS A 131 -18.59 -4.96 21.02
CA CYS A 131 -19.61 -3.98 20.69
C CYS A 131 -19.66 -3.86 19.17
N PRO A 132 -20.69 -3.19 18.60
CA PRO A 132 -20.90 -3.21 17.15
C PRO A 132 -19.79 -2.63 16.28
N HIS A 133 -19.60 -3.27 15.13
CA HIS A 133 -18.69 -2.87 14.08
C HIS A 133 -19.50 -2.30 12.92
N HIS A 134 -18.79 -1.72 11.95
CA HIS A 134 -19.41 -1.36 10.68
C HIS A 134 -18.68 -2.10 9.54
N GLU A 135 -19.41 -3.01 8.86
CA GLU A 135 -18.82 -3.89 7.86
C GLU A 135 -18.07 -3.06 6.81
N THR A 136 -18.70 -1.97 6.34
CA THR A 136 -18.15 -1.16 5.27
C THR A 136 -16.81 -0.58 5.70
N ALA A 137 -16.78 -0.04 6.94
CA ALA A 137 -15.59 0.58 7.49
C ALA A 137 -14.43 -0.42 7.48
N ILE A 138 -14.71 -1.66 7.87
CA ILE A 138 -13.68 -2.67 7.98
C ILE A 138 -13.19 -3.04 6.58
N HIS A 139 -14.12 -3.14 5.63
CA HIS A 139 -13.76 -3.49 4.27
C HIS A 139 -12.92 -2.36 3.66
N ARG A 140 -13.27 -1.11 3.98
CA ARG A 140 -12.56 0.01 3.40
C ARG A 140 -11.14 0.14 3.94
N ALA A 141 -10.82 -0.56 5.04
CA ALA A 141 -9.45 -0.61 5.51
C ALA A 141 -8.65 -1.68 4.77
N GLY A 142 -9.33 -2.49 3.94
CA GLY A 142 -8.70 -3.57 3.20
C GLY A 142 -8.59 -4.83 4.06
N ILE A 143 -9.58 -5.03 4.94
CA ILE A 143 -9.57 -6.15 5.86
C ILE A 143 -10.72 -7.09 5.51
N ALA A 144 -10.35 -8.36 5.28
CA ALA A 144 -11.28 -9.45 5.04
C ALA A 144 -12.09 -9.70 6.30
N PHE A 145 -13.42 -9.72 6.14
CA PHE A 145 -14.29 -9.86 7.29
C PHE A 145 -15.65 -10.41 6.87
N SER A 146 -15.89 -11.67 7.26
CA SER A 146 -17.16 -12.35 7.02
C SER A 146 -17.87 -12.62 8.35
N GLY A 147 -17.47 -11.93 9.41
CA GLY A 147 -18.05 -12.11 10.73
C GLY A 147 -16.99 -12.50 11.75
N TYR A 148 -17.45 -12.61 13.00
CA TYR A 148 -16.56 -12.92 14.12
C TYR A 148 -16.02 -14.34 14.02
N PRO A 149 -16.80 -15.36 13.60
CA PRO A 149 -16.22 -16.67 13.26
C PRO A 149 -14.90 -16.56 12.49
N SER A 150 -14.89 -15.77 11.41
CA SER A 150 -13.71 -15.59 10.59
C SER A 150 -12.59 -14.93 11.39
N LEU A 151 -12.89 -13.77 11.98
CA LEU A 151 -11.88 -12.99 12.67
C LEU A 151 -11.20 -13.85 13.73
N LEU A 152 -12.03 -14.55 14.50
CA LEU A 152 -11.55 -15.31 15.63
C LEU A 152 -10.59 -16.40 15.16
N ALA A 153 -10.99 -17.09 14.09
CA ALA A 153 -10.18 -18.14 13.50
C ALA A 153 -8.84 -17.58 13.09
N ASN A 154 -8.87 -16.51 12.28
CA ASN A 154 -7.67 -15.84 11.80
C ASN A 154 -6.74 -15.57 12.97
N VAL A 155 -7.27 -14.89 14.00
CA VAL A 155 -6.45 -14.41 15.12
C VAL A 155 -5.82 -15.57 15.89
N LEU A 156 -6.51 -16.71 15.94
CA LEU A 156 -6.07 -17.84 16.74
C LEU A 156 -5.25 -18.85 15.94
N GLY A 157 -5.26 -18.72 14.61
CA GLY A 157 -4.51 -19.63 13.75
C GLY A 157 -5.24 -20.95 13.54
N MET A 158 -6.58 -20.88 13.56
CA MET A 158 -7.44 -22.03 13.28
C MET A 158 -8.05 -21.90 11.89
N ASN A 159 -8.54 -23.02 11.34
CA ASN A 159 -9.27 -22.99 10.09
C ASN A 159 -10.67 -22.47 10.40
N GLU A 160 -11.34 -21.86 9.40
CA GLU A 160 -12.57 -21.13 9.66
C GLU A 160 -13.71 -22.06 10.09
N ASP A 161 -13.57 -23.36 9.74
CA ASP A 161 -14.58 -24.37 9.99
C ASP A 161 -14.34 -25.07 11.34
N GLU A 162 -13.34 -24.62 12.12
CA GLU A 162 -13.10 -25.10 13.47
C GLU A 162 -13.68 -24.13 14.50
N VAL A 163 -14.22 -23.00 14.02
CA VAL A 163 -14.94 -22.07 14.85
C VAL A 163 -16.41 -22.20 14.50
N PHE A 164 -17.26 -22.32 15.52
CA PHE A 164 -18.67 -22.55 15.30
C PHE A 164 -19.44 -21.39 15.91
N LEU A 165 -20.69 -21.20 15.44
CA LEU A 165 -21.57 -20.19 15.99
C LEU A 165 -22.65 -20.84 16.85
N MET A 166 -22.74 -20.44 18.11
CA MET A 166 -23.85 -20.82 18.96
C MET A 166 -24.77 -19.62 19.17
N LEU A 167 -26.06 -19.77 18.83
CA LEU A 167 -27.09 -18.82 19.19
C LEU A 167 -27.67 -19.17 20.56
N VAL A 168 -27.98 -18.14 21.36
CA VAL A 168 -28.56 -18.34 22.68
C VAL A 168 -29.68 -17.34 22.86
N GLY A 169 -30.90 -17.84 23.11
CA GLY A 169 -32.07 -16.98 23.31
C GLY A 169 -33.26 -17.81 23.80
N ALA A 170 -34.03 -17.25 24.73
CA ALA A 170 -35.22 -17.89 25.27
C ALA A 170 -34.92 -19.30 25.80
N GLY A 171 -33.77 -19.45 26.47
CA GLY A 171 -33.41 -20.70 27.13
C GLY A 171 -32.85 -21.74 26.15
N LEU A 172 -32.85 -21.42 24.84
CA LEU A 172 -32.36 -22.32 23.82
C LEU A 172 -30.89 -22.03 23.54
N ARG A 173 -30.10 -23.09 23.42
CA ARG A 173 -28.72 -22.99 22.99
C ARG A 173 -28.55 -23.91 21.79
N ILE A 174 -28.21 -23.34 20.63
CA ILE A 174 -28.08 -24.14 19.41
C ILE A 174 -26.76 -23.81 18.73
N VAL A 175 -25.82 -24.75 18.75
CA VAL A 175 -24.61 -24.65 17.97
C VAL A 175 -24.91 -25.12 16.55
N HIS A 176 -24.16 -24.62 15.57
CA HIS A 176 -24.38 -24.92 14.17
C HIS A 176 -23.08 -25.48 13.58
N VAL A 177 -23.17 -26.63 12.92
CA VAL A 177 -22.00 -27.29 12.39
C VAL A 177 -21.57 -26.58 11.11
N THR A 178 -22.53 -26.08 10.34
CA THR A 178 -22.27 -25.20 9.20
C THR A 178 -23.08 -23.91 9.39
N LEU A 179 -22.77 -22.88 8.60
CA LEU A 179 -23.34 -21.57 8.85
C LEU A 179 -23.56 -20.84 7.53
N HIS A 180 -22.78 -19.81 7.24
CA HIS A 180 -23.06 -18.88 6.16
C HIS A 180 -22.45 -19.44 4.87
N GLU A 181 -23.12 -20.45 4.31
CA GLU A 181 -22.72 -21.06 3.05
C GLU A 181 -23.97 -21.68 2.42
N SER A 182 -23.83 -22.05 1.14
CA SER A 182 -24.90 -22.71 0.40
C SER A 182 -25.30 -24.01 1.08
N VAL A 183 -26.57 -24.41 0.94
CA VAL A 183 -27.05 -25.65 1.53
C VAL A 183 -26.23 -26.81 0.98
N ARG A 184 -25.99 -26.81 -0.33
CA ARG A 184 -25.25 -27.87 -0.99
C ARG A 184 -23.82 -27.93 -0.47
N SER A 185 -23.18 -26.76 -0.34
CA SER A 185 -21.82 -26.65 0.18
C SER A 185 -21.73 -27.20 1.60
N ALA A 186 -22.80 -26.98 2.39
CA ALA A 186 -22.88 -27.48 3.75
C ALA A 186 -22.93 -29.01 3.74
N LEU A 187 -23.74 -29.59 2.84
CA LEU A 187 -23.93 -31.03 2.83
C LEU A 187 -22.62 -31.72 2.48
N GLU A 188 -21.84 -31.09 1.59
CA GLU A 188 -20.58 -31.64 1.10
C GLU A 188 -19.49 -31.58 2.18
N ARG A 189 -19.58 -30.60 3.09
CA ARG A 189 -18.59 -30.40 4.14
C ARG A 189 -18.87 -31.30 5.34
N LEU A 190 -20.14 -31.71 5.52
CA LEU A 190 -20.53 -32.38 6.75
C LEU A 190 -19.78 -33.70 6.84
N SER A 191 -19.19 -33.95 8.01
CA SER A 191 -18.55 -35.24 8.29
C SER A 191 -18.73 -35.59 9.77
N PRO A 192 -18.51 -36.86 10.17
CA PRO A 192 -18.58 -37.23 11.59
C PRO A 192 -17.71 -36.34 12.45
N GLN A 193 -16.49 -36.07 11.96
CA GLN A 193 -15.51 -35.27 12.68
C GLN A 193 -16.03 -33.85 12.90
N LEU A 194 -16.64 -33.25 11.89
CA LEU A 194 -17.04 -31.86 11.97
C LEU A 194 -18.14 -31.70 13.01
N VAL A 195 -19.00 -32.72 13.12
CA VAL A 195 -20.04 -32.71 14.14
C VAL A 195 -19.39 -32.81 15.52
N ILE A 196 -18.43 -33.71 15.65
CA ILE A 196 -17.76 -33.93 16.93
C ILE A 196 -17.13 -32.62 17.41
N ASN A 197 -16.44 -31.93 16.49
CA ASN A 197 -15.77 -30.68 16.82
C ASN A 197 -16.76 -29.64 17.31
N ALA A 198 -17.93 -29.54 16.66
CA ALA A 198 -18.95 -28.57 17.03
C ALA A 198 -19.42 -28.77 18.46
N VAL A 199 -19.68 -30.03 18.80
CA VAL A 199 -20.22 -30.40 20.10
C VAL A 199 -19.18 -30.13 21.18
N ASP A 200 -17.92 -30.53 20.92
CA ASP A 200 -16.85 -30.31 21.89
C ASP A 200 -16.69 -28.81 22.14
N ALA A 201 -16.72 -27.99 21.08
CA ALA A 201 -16.62 -26.55 21.22
C ALA A 201 -17.78 -26.00 22.04
N ALA A 202 -18.97 -26.59 21.83
CA ALA A 202 -20.20 -26.10 22.43
C ALA A 202 -20.36 -26.58 23.88
N VAL A 203 -19.81 -27.75 24.21
CA VAL A 203 -19.84 -28.26 25.57
C VAL A 203 -18.88 -27.44 26.44
N GLN A 204 -17.68 -27.15 25.92
CA GLN A 204 -16.75 -26.23 26.58
C GLN A 204 -17.48 -24.91 26.87
N THR A 205 -18.11 -24.34 25.83
CA THR A 205 -18.84 -23.09 25.95
C THR A 205 -19.95 -23.21 27.00
N CYS A 206 -20.54 -24.41 27.15
CA CYS A 206 -21.63 -24.62 28.08
C CYS A 206 -21.14 -24.53 29.52
N THR A 207 -19.91 -24.98 29.79
CA THR A 207 -19.33 -24.88 31.13
C THR A 207 -19.28 -23.41 31.54
N LEU A 208 -18.81 -22.55 30.61
CA LEU A 208 -18.67 -21.14 30.87
C LEU A 208 -20.03 -20.48 31.09
N LEU A 209 -21.04 -20.96 30.35
CA LEU A 209 -22.37 -20.38 30.44
C LEU A 209 -23.05 -20.81 31.73
N GLY A 210 -22.52 -21.87 32.38
CA GLY A 210 -22.97 -22.28 33.71
C GLY A 210 -23.67 -23.65 33.70
N VAL A 211 -23.50 -24.43 32.63
CA VAL A 211 -24.10 -25.75 32.55
C VAL A 211 -22.98 -26.77 32.33
N PRO A 212 -22.30 -27.25 33.39
CA PRO A 212 -21.04 -27.96 33.22
C PRO A 212 -21.17 -29.29 32.47
N LYS A 213 -22.22 -30.05 32.79
CA LYS A 213 -22.40 -31.39 32.27
C LYS A 213 -23.71 -31.46 31.49
N PRO A 214 -23.78 -30.87 30.28
CA PRO A 214 -25.05 -30.67 29.58
C PRO A 214 -25.65 -31.92 28.94
N GLN A 215 -27.00 -31.92 28.85
CA GLN A 215 -27.72 -32.84 28.00
C GLN A 215 -27.83 -32.30 26.58
N VAL A 216 -27.40 -33.10 25.61
CA VAL A 216 -27.19 -32.65 24.24
C VAL A 216 -28.15 -33.36 23.29
N ALA A 217 -28.68 -32.61 22.32
CA ALA A 217 -29.51 -33.18 21.27
C ALA A 217 -28.95 -32.84 19.90
N VAL A 218 -28.89 -33.82 19.00
CA VAL A 218 -28.32 -33.63 17.68
C VAL A 218 -29.44 -33.70 16.65
N PHE A 219 -29.62 -32.62 15.87
CA PHE A 219 -30.59 -32.61 14.79
C PHE A 219 -30.15 -33.55 13.67
N GLY A 220 -31.13 -34.11 12.98
CA GLY A 220 -30.88 -34.80 11.73
C GLY A 220 -30.64 -33.83 10.57
N ILE A 221 -29.80 -34.25 9.62
CA ILE A 221 -29.58 -33.52 8.38
C ILE A 221 -30.86 -33.56 7.55
N ASN A 222 -31.44 -34.76 7.45
CA ASN A 222 -32.65 -34.94 6.67
C ASN A 222 -33.87 -34.91 7.58
N PRO A 223 -35.07 -34.64 7.01
CA PRO A 223 -36.32 -34.80 7.73
C PRO A 223 -36.40 -36.13 8.48
N HIS A 224 -36.86 -36.07 9.74
CA HIS A 224 -37.06 -37.25 10.57
C HIS A 224 -35.72 -37.97 10.79
N ALA A 225 -34.60 -37.24 10.63
CA ALA A 225 -33.26 -37.80 10.73
C ALA A 225 -33.07 -38.96 9.77
N SER A 226 -33.58 -38.78 8.55
CA SER A 226 -33.47 -39.76 7.48
C SER A 226 -34.42 -40.93 7.72
N GLU A 227 -35.00 -41.01 8.92
CA GLU A 227 -35.85 -42.12 9.33
C GLU A 227 -35.13 -43.42 9.03
N GLY A 228 -33.97 -43.59 9.66
CA GLY A 228 -33.05 -44.66 9.32
C GLY A 228 -32.27 -44.27 8.07
N GLN A 229 -32.67 -44.83 6.92
CA GLN A 229 -32.12 -44.46 5.61
C GLN A 229 -33.23 -44.19 4.59
N LEU A 230 -34.48 -44.10 5.04
CA LEU A 230 -35.58 -43.98 4.09
C LEU A 230 -35.50 -42.65 3.32
N PHE A 231 -35.17 -41.55 4.01
CA PHE A 231 -35.10 -40.23 3.40
C PHE A 231 -33.65 -39.76 3.33
N GLY A 232 -32.80 -40.53 2.64
CA GLY A 232 -31.40 -40.16 2.44
C GLY A 232 -30.47 -40.91 3.38
N LEU A 233 -29.20 -40.99 2.97
CA LEU A 233 -28.18 -41.79 3.62
C LEU A 233 -27.30 -40.93 4.54
N GLU A 234 -27.50 -39.59 4.51
CA GLU A 234 -26.57 -38.67 5.12
C GLU A 234 -26.56 -38.86 6.64
N ASP A 235 -27.69 -39.20 7.25
CA ASP A 235 -27.73 -39.30 8.70
C ASP A 235 -27.05 -40.57 9.19
N SER A 236 -27.08 -41.63 8.37
CA SER A 236 -26.46 -42.89 8.76
C SER A 236 -24.94 -42.81 8.59
N GLN A 237 -24.47 -41.88 7.74
CA GLN A 237 -23.06 -41.75 7.45
C GLN A 237 -22.39 -40.71 8.36
N ILE A 238 -23.16 -39.75 8.87
CA ILE A 238 -22.60 -38.56 9.49
C ILE A 238 -23.01 -38.42 10.96
N THR A 239 -24.33 -38.33 11.23
CA THR A 239 -24.80 -37.98 12.56
C THR A 239 -24.86 -39.21 13.45
N VAL A 240 -25.22 -40.38 12.88
CA VAL A 240 -25.32 -41.58 13.69
C VAL A 240 -23.92 -41.99 14.19
N PRO A 241 -22.88 -42.10 13.33
CA PRO A 241 -21.52 -42.40 13.80
C PRO A 241 -20.99 -41.39 14.81
N ALA A 242 -21.33 -40.11 14.63
CA ALA A 242 -20.83 -39.04 15.47
C ALA A 242 -21.38 -39.17 16.90
N VAL A 243 -22.67 -39.50 17.01
CA VAL A 243 -23.36 -39.62 18.29
C VAL A 243 -22.80 -40.80 19.08
N GLU A 244 -22.41 -41.88 18.37
CA GLU A 244 -21.91 -43.07 19.02
C GLU A 244 -20.52 -42.83 19.60
N THR A 245 -19.70 -42.04 18.89
CA THR A 245 -18.35 -41.71 19.33
C THR A 245 -18.44 -40.81 20.58
N LEU A 246 -19.39 -39.85 20.57
CA LEU A 246 -19.52 -38.88 21.65
C LEU A 246 -20.02 -39.51 22.94
N ARG A 247 -20.88 -40.53 22.83
CA ARG A 247 -21.31 -41.30 23.98
C ARG A 247 -20.13 -42.09 24.56
N LYS A 248 -19.33 -42.73 23.71
CA LYS A 248 -18.25 -43.60 24.16
C LYS A 248 -17.19 -42.81 24.93
N ARG A 249 -17.08 -41.49 24.69
CA ARG A 249 -16.20 -40.62 25.46
C ARG A 249 -16.91 -40.12 26.73
N GLY A 250 -18.22 -40.42 26.86
CA GLY A 250 -18.94 -40.29 28.11
C GLY A 250 -19.81 -39.04 28.17
N LEU A 251 -20.34 -38.61 27.03
CA LEU A 251 -21.24 -37.47 26.99
C LEU A 251 -22.68 -37.97 26.90
N THR A 252 -23.61 -37.17 27.47
CA THR A 252 -25.04 -37.42 27.40
C THR A 252 -25.60 -36.84 26.11
N VAL A 253 -25.95 -37.71 25.15
CA VAL A 253 -26.27 -37.32 23.78
C VAL A 253 -27.43 -38.15 23.24
N ASP A 254 -28.54 -37.51 22.88
CA ASP A 254 -29.62 -38.18 22.17
C ASP A 254 -29.60 -37.76 20.70
N GLY A 255 -29.88 -38.71 19.79
CA GLY A 255 -30.16 -38.39 18.38
C GLY A 255 -29.34 -39.27 17.43
N PRO A 256 -29.31 -38.96 16.11
CA PRO A 256 -30.05 -37.83 15.56
C PRO A 256 -31.56 -38.01 15.61
N MET A 257 -32.26 -36.90 15.84
CA MET A 257 -33.71 -36.88 15.75
C MET A 257 -34.11 -35.73 14.82
N GLY A 258 -35.35 -35.77 14.33
CA GLY A 258 -35.90 -34.67 13.54
C GLY A 258 -35.95 -33.38 14.37
N ALA A 259 -35.45 -32.28 13.80
CA ALA A 259 -35.18 -31.06 14.57
C ALA A 259 -36.47 -30.55 15.22
N ASP A 260 -37.55 -30.58 14.45
CA ASP A 260 -38.86 -30.16 14.90
C ASP A 260 -39.26 -30.89 16.17
N MET A 261 -39.12 -32.22 16.16
CA MET A 261 -39.66 -33.06 17.20
C MET A 261 -38.85 -32.86 18.50
N VAL A 262 -37.51 -32.74 18.39
CA VAL A 262 -36.65 -32.64 19.56
C VAL A 262 -36.87 -31.30 20.26
N LEU A 263 -36.76 -30.20 19.51
CA LEU A 263 -36.92 -28.87 20.08
C LEU A 263 -38.21 -28.80 20.89
N ALA A 264 -39.28 -29.45 20.41
CA ALA A 264 -40.58 -29.39 21.05
C ALA A 264 -40.55 -29.98 22.46
N GLN A 265 -39.72 -31.02 22.68
CA GLN A 265 -39.62 -31.67 23.99
C GLN A 265 -39.03 -30.70 25.03
N ARG A 266 -38.15 -29.79 24.58
CA ARG A 266 -37.58 -28.76 25.45
C ARG A 266 -36.94 -29.40 26.69
N LYS A 267 -36.05 -30.38 26.50
CA LYS A 267 -35.49 -31.12 27.62
C LYS A 267 -33.99 -31.27 27.48
N HIS A 268 -33.36 -30.44 26.65
CA HIS A 268 -31.91 -30.48 26.49
C HIS A 268 -31.34 -29.09 26.73
N ASP A 269 -30.06 -29.04 27.10
CA ASP A 269 -29.36 -27.80 27.38
C ASP A 269 -28.62 -27.29 26.15
N LEU A 270 -28.47 -28.14 25.13
CA LEU A 270 -27.75 -27.78 23.92
C LEU A 270 -28.30 -28.58 22.74
N TYR A 271 -28.65 -27.88 21.66
CA TYR A 271 -29.10 -28.53 20.45
C TYR A 271 -28.04 -28.30 19.38
N VAL A 272 -27.87 -29.30 18.49
CA VAL A 272 -26.80 -29.27 17.51
C VAL A 272 -27.41 -29.28 16.11
N ALA A 273 -27.42 -28.12 15.48
CA ALA A 273 -28.06 -27.94 14.20
C ALA A 273 -27.03 -28.23 13.11
N MET A 274 -27.51 -28.83 12.01
CA MET A 274 -26.67 -29.16 10.87
C MET A 274 -26.57 -28.01 9.88
N LEU A 275 -27.65 -27.24 9.73
CA LEU A 275 -27.70 -26.13 8.79
C LEU A 275 -28.08 -24.84 9.52
N HIS A 276 -27.71 -23.70 8.94
CA HIS A 276 -28.00 -22.38 9.48
C HIS A 276 -29.48 -22.29 9.87
N ASP A 277 -30.37 -22.50 8.91
CA ASP A 277 -31.79 -22.24 9.08
C ASP A 277 -32.39 -23.14 10.16
N GLN A 278 -31.83 -24.34 10.33
CA GLN A 278 -32.38 -25.27 11.31
C GLN A 278 -32.29 -24.69 12.70
N GLY A 279 -31.28 -23.85 12.95
CA GLY A 279 -31.03 -23.29 14.27
C GLY A 279 -31.49 -21.83 14.41
N HIS A 280 -31.63 -21.10 13.30
CA HIS A 280 -31.92 -19.67 13.33
C HIS A 280 -33.42 -19.43 13.35
N ILE A 281 -34.22 -20.34 12.77
CA ILE A 281 -35.67 -20.17 12.76
C ILE A 281 -36.21 -20.25 14.19
N PRO A 282 -35.92 -21.34 14.95
CA PRO A 282 -36.46 -21.45 16.30
C PRO A 282 -36.10 -20.23 17.15
N ILE A 283 -34.85 -19.76 17.00
CA ILE A 283 -34.29 -18.72 17.85
C ILE A 283 -34.95 -17.38 17.56
N LYS A 284 -35.11 -17.00 16.29
CA LYS A 284 -35.62 -15.67 15.95
C LYS A 284 -37.13 -15.60 16.13
N LEU A 285 -37.78 -16.76 16.18
CA LEU A 285 -39.22 -16.82 16.40
C LEU A 285 -39.53 -16.63 17.87
N LEU A 286 -38.73 -17.24 18.76
CA LEU A 286 -38.98 -17.19 20.20
C LEU A 286 -38.29 -16.01 20.87
N ALA A 287 -37.15 -15.56 20.33
CA ALA A 287 -36.40 -14.45 20.91
C ALA A 287 -36.04 -13.47 19.79
N PRO A 288 -37.02 -12.84 19.11
CA PRO A 288 -36.77 -12.06 17.90
C PRO A 288 -35.82 -10.88 18.03
N ASN A 289 -35.69 -10.33 19.24
CA ASN A 289 -34.67 -9.32 19.53
C ASN A 289 -33.58 -9.90 20.44
N GLY A 290 -34.00 -10.69 21.44
CA GLY A 290 -33.21 -10.90 22.63
C GLY A 290 -32.32 -12.14 22.57
N ALA A 291 -31.62 -12.32 21.44
CA ALA A 291 -30.77 -13.50 21.20
C ALA A 291 -29.32 -13.08 21.02
N SER A 292 -28.39 -13.87 21.57
CA SER A 292 -26.97 -13.57 21.51
C SER A 292 -26.28 -14.54 20.55
N ALA A 293 -25.25 -14.07 19.84
CA ALA A 293 -24.50 -14.90 18.89
C ALA A 293 -23.09 -15.12 19.40
N LEU A 294 -22.77 -16.36 19.78
CA LEU A 294 -21.46 -16.70 20.36
C LEU A 294 -20.61 -17.42 19.31
N SER A 295 -19.46 -16.82 18.98
CA SER A 295 -18.43 -17.46 18.17
C SER A 295 -17.47 -18.16 19.12
N ILE A 296 -17.23 -19.46 18.88
CA ILE A 296 -16.53 -20.29 19.85
C ILE A 296 -15.37 -21.01 19.16
N GLY A 297 -14.15 -20.80 19.68
CA GLY A 297 -12.95 -21.33 19.07
C GLY A 297 -11.83 -21.38 20.10
N GLY A 298 -11.20 -22.55 20.27
CA GLY A 298 -10.31 -22.77 21.39
C GLY A 298 -11.08 -22.57 22.70
N ARG A 299 -10.50 -21.82 23.63
CA ARG A 299 -11.18 -21.52 24.88
C ARG A 299 -11.96 -20.21 24.75
N VAL A 300 -11.99 -19.65 23.55
CA VAL A 300 -12.44 -18.28 23.37
C VAL A 300 -13.91 -18.26 22.97
N VAL A 301 -14.73 -17.65 23.82
CA VAL A 301 -16.11 -17.39 23.50
C VAL A 301 -16.25 -15.89 23.27
N LEU A 302 -16.62 -15.51 22.03
CA LEU A 302 -16.83 -14.12 21.66
C LEU A 302 -18.31 -13.90 21.33
N SER A 303 -18.94 -12.91 21.93
CA SER A 303 -20.31 -12.59 21.61
C SER A 303 -20.44 -11.18 21.07
N SER A 304 -21.28 -11.02 20.06
CA SER A 304 -21.73 -9.71 19.65
C SER A 304 -22.90 -9.30 20.54
N VAL A 305 -23.13 -7.99 20.62
CA VAL A 305 -24.43 -7.44 20.92
C VAL A 305 -25.27 -7.63 19.66
N GLY A 306 -26.59 -7.74 19.76
CA GLY A 306 -27.35 -8.20 18.60
C GLY A 306 -27.88 -7.06 17.75
N HIS A 307 -27.07 -6.02 17.49
CA HIS A 307 -27.53 -4.87 16.73
C HIS A 307 -26.36 -4.14 16.08
N GLY A 308 -26.68 -3.15 15.23
CA GLY A 308 -25.71 -2.44 14.42
C GLY A 308 -25.05 -1.30 15.19
N SER A 309 -24.21 -0.52 14.48
CA SER A 309 -23.42 0.53 15.06
C SER A 309 -24.21 1.85 15.11
N ALA A 310 -25.31 1.94 14.36
CA ALA A 310 -26.26 3.04 14.45
C ALA A 310 -25.61 4.40 14.25
N MET A 311 -25.00 4.62 13.08
CA MET A 311 -24.17 5.79 12.85
C MET A 311 -24.98 7.08 12.86
N ASP A 312 -26.31 6.99 12.67
CA ASP A 312 -27.17 8.17 12.60
C ASP A 312 -27.46 8.78 13.97
N ILE A 313 -27.29 8.01 15.06
CA ILE A 313 -27.49 8.53 16.41
C ILE A 313 -26.17 8.59 17.17
N ALA A 314 -25.08 8.17 16.53
CA ALA A 314 -23.77 8.22 17.15
C ALA A 314 -23.51 9.65 17.61
N GLY A 315 -23.19 9.79 18.89
CA GLY A 315 -22.85 11.10 19.43
C GLY A 315 -24.06 11.78 20.05
N ARG A 316 -25.29 11.27 19.85
CA ARG A 316 -26.48 11.94 20.34
C ARG A 316 -26.91 11.44 21.71
N GLY A 317 -26.29 10.36 22.21
CA GLY A 317 -26.43 9.98 23.60
C GLY A 317 -27.78 9.33 23.89
N VAL A 318 -28.35 8.65 22.87
CA VAL A 318 -29.69 8.12 22.93
C VAL A 318 -29.68 6.62 22.66
N ALA A 319 -28.51 5.97 22.75
CA ALA A 319 -28.39 4.55 22.48
C ALA A 319 -28.64 3.74 23.76
N ASP A 320 -29.32 2.61 23.61
CA ASP A 320 -29.75 1.77 24.71
C ASP A 320 -28.72 0.66 24.92
N ALA A 321 -28.41 0.37 26.18
CA ALA A 321 -27.38 -0.61 26.50
C ALA A 321 -27.97 -1.95 26.90
N THR A 322 -29.30 -2.13 26.75
CA THR A 322 -30.00 -3.32 27.23
C THR A 322 -29.44 -4.57 26.55
N ALA A 323 -29.14 -4.46 25.24
CA ALA A 323 -28.60 -5.60 24.51
C ALA A 323 -27.22 -5.94 25.04
N LEU A 324 -26.42 -4.92 25.35
CA LEU A 324 -25.07 -5.16 25.83
C LEU A 324 -25.14 -5.78 27.23
N LEU A 325 -26.04 -5.29 28.07
CA LEU A 325 -26.18 -5.77 29.44
C LEU A 325 -26.69 -7.21 29.46
N ARG A 326 -27.63 -7.52 28.57
CA ARG A 326 -28.11 -8.88 28.39
C ARG A 326 -26.96 -9.81 28.02
N THR A 327 -26.02 -9.33 27.19
CA THR A 327 -24.90 -10.14 26.72
C THR A 327 -23.90 -10.37 27.85
N ILE A 328 -23.68 -9.33 28.67
CA ILE A 328 -22.79 -9.39 29.82
C ILE A 328 -23.36 -10.37 30.84
N ALA A 329 -24.68 -10.30 31.08
CA ALA A 329 -25.33 -11.21 32.01
C ALA A 329 -25.10 -12.66 31.57
N LEU A 330 -25.13 -12.86 30.24
CA LEU A 330 -25.09 -14.18 29.66
C LEU A 330 -23.70 -14.79 29.78
N LEU A 331 -22.67 -14.01 29.42
CA LEU A 331 -21.28 -14.49 29.46
C LEU A 331 -20.68 -14.38 30.86
N GLY A 332 -21.32 -13.60 31.74
CA GLY A 332 -20.81 -13.37 33.09
C GLY A 332 -21.54 -14.24 34.11
N ALA A 333 -21.84 -15.47 33.67
CA ALA A 333 -22.74 -16.36 34.36
C ALA A 333 -22.03 -16.97 35.56
N GLN A 334 -22.82 -17.23 36.61
CA GLN A 334 -22.32 -17.58 37.93
C GLN A 334 -21.54 -18.91 37.90
N PRO A 335 -22.20 -20.07 37.65
CA PRO A 335 -21.59 -21.35 37.99
C PRO A 335 -20.35 -21.68 37.14
N THR B 23 -12.85 -24.22 -10.92
CA THR B 23 -14.17 -23.65 -11.22
C THR B 23 -14.02 -22.15 -11.47
N ILE B 24 -14.35 -21.69 -12.67
CA ILE B 24 -14.18 -20.28 -13.02
C ILE B 24 -15.53 -19.57 -13.24
N VAL B 25 -16.62 -20.32 -13.38
CA VAL B 25 -17.94 -19.76 -13.61
C VAL B 25 -18.78 -19.81 -12.34
N HIS B 26 -19.11 -18.65 -11.78
CA HIS B 26 -19.75 -18.55 -10.48
C HIS B 26 -21.07 -17.79 -10.58
N ARG B 27 -21.60 -17.65 -11.80
CA ARG B 27 -22.88 -16.97 -12.01
C ARG B 27 -23.39 -17.26 -13.42
N ARG B 28 -24.63 -16.84 -13.68
CA ARG B 28 -25.27 -17.09 -14.96
C ARG B 28 -24.76 -16.11 -16.01
N LEU B 29 -24.47 -16.60 -17.21
CA LEU B 29 -23.97 -15.77 -18.29
C LEU B 29 -24.67 -16.09 -19.62
N ALA B 30 -24.77 -15.07 -20.45
CA ALA B 30 -25.26 -15.22 -21.81
C ALA B 30 -24.07 -15.15 -22.74
N LEU B 31 -24.02 -16.06 -23.71
CA LEU B 31 -22.93 -16.11 -24.67
C LEU B 31 -23.51 -16.02 -26.07
N ALA B 32 -23.54 -14.80 -26.62
CA ALA B 32 -23.92 -14.62 -28.01
C ALA B 32 -22.74 -15.05 -28.87
N ILE B 33 -23.01 -15.83 -29.91
CA ILE B 33 -21.94 -16.51 -30.61
C ILE B 33 -21.38 -15.65 -31.74
N GLY B 34 -21.86 -14.41 -31.90
CA GLY B 34 -21.24 -13.49 -32.86
C GLY B 34 -21.54 -13.88 -34.30
N ASP B 35 -20.67 -13.49 -35.22
CA ASP B 35 -20.87 -13.80 -36.63
C ASP B 35 -20.82 -15.30 -36.83
N PRO B 36 -21.87 -15.93 -37.36
CA PRO B 36 -21.94 -17.38 -37.51
C PRO B 36 -21.04 -17.99 -38.58
N HIS B 37 -20.44 -17.12 -39.40
CA HIS B 37 -19.47 -17.54 -40.40
C HIS B 37 -18.06 -17.39 -39.85
N GLY B 38 -17.90 -16.70 -38.71
CA GLY B 38 -16.61 -16.51 -38.09
C GLY B 38 -16.22 -17.68 -37.18
N ILE B 39 -15.26 -17.43 -36.29
CA ILE B 39 -14.75 -18.42 -35.38
C ILE B 39 -15.60 -18.47 -34.11
N GLY B 40 -16.62 -17.60 -34.02
CA GLY B 40 -17.41 -17.40 -32.82
C GLY B 40 -18.08 -18.68 -32.37
N PRO B 41 -18.91 -19.33 -33.22
CA PRO B 41 -19.50 -20.63 -32.88
C PRO B 41 -18.46 -21.67 -32.47
N GLU B 42 -17.37 -21.71 -33.21
CA GLU B 42 -16.28 -22.64 -32.96
C GLU B 42 -15.71 -22.44 -31.55
N ILE B 43 -15.37 -21.19 -31.20
CA ILE B 43 -14.75 -20.90 -29.91
C ILE B 43 -15.77 -21.06 -28.79
N ALA B 44 -17.05 -20.77 -29.06
CA ALA B 44 -18.09 -20.97 -28.07
C ALA B 44 -18.07 -22.41 -27.57
N LEU B 45 -18.05 -23.38 -28.51
CA LEU B 45 -18.07 -24.79 -28.16
C LEU B 45 -16.77 -25.16 -27.44
N LYS B 46 -15.63 -24.71 -27.98
CA LYS B 46 -14.35 -25.15 -27.47
C LYS B 46 -14.17 -24.69 -26.00
N ALA B 47 -14.74 -23.53 -25.66
CA ALA B 47 -14.62 -22.98 -24.32
C ALA B 47 -15.55 -23.72 -23.33
N LEU B 48 -16.78 -24.01 -23.77
CA LEU B 48 -17.73 -24.75 -22.94
C LEU B 48 -17.25 -26.18 -22.73
N GLN B 49 -16.68 -26.78 -23.79
CA GLN B 49 -16.03 -28.07 -23.72
C GLN B 49 -15.19 -28.14 -22.45
N GLN B 50 -14.37 -27.11 -22.22
CA GLN B 50 -13.34 -27.16 -21.18
C GLN B 50 -13.90 -26.88 -19.79
N LEU B 51 -15.15 -26.44 -19.68
CA LEU B 51 -15.78 -26.26 -18.39
C LEU B 51 -16.37 -27.60 -17.91
N SER B 52 -16.76 -27.64 -16.63
CA SER B 52 -17.45 -28.80 -16.06
C SER B 52 -18.93 -28.71 -16.39
N ALA B 53 -19.65 -29.81 -16.13
CA ALA B 53 -21.05 -29.93 -16.47
C ALA B 53 -21.86 -28.85 -15.76
N THR B 54 -21.55 -28.58 -14.48
CA THR B 54 -22.27 -27.60 -13.68
C THR B 54 -22.02 -26.20 -14.23
N GLU B 55 -20.78 -25.93 -14.65
CA GLU B 55 -20.41 -24.65 -15.22
C GLU B 55 -21.18 -24.39 -16.49
N ARG B 56 -21.42 -25.46 -17.28
CA ARG B 56 -22.07 -25.37 -18.57
C ARG B 56 -23.53 -24.95 -18.43
N SER B 57 -24.13 -25.31 -17.30
CA SER B 57 -25.55 -25.07 -17.10
C SER B 57 -25.80 -23.60 -16.74
N LEU B 58 -24.73 -22.85 -16.44
CA LEU B 58 -24.85 -21.44 -16.13
C LEU B 58 -24.68 -20.57 -17.39
N ILE B 59 -24.32 -21.19 -18.52
CA ILE B 59 -24.06 -20.42 -19.74
C ILE B 59 -25.15 -20.71 -20.76
N LYS B 60 -26.00 -19.71 -20.99
CA LYS B 60 -27.04 -19.79 -22.00
C LYS B 60 -26.49 -19.20 -23.30
N VAL B 61 -26.52 -20.00 -24.37
CA VAL B 61 -25.90 -19.66 -25.64
C VAL B 61 -26.95 -19.10 -26.58
N TYR B 62 -26.69 -17.91 -27.11
CA TYR B 62 -27.62 -17.23 -28.01
C TYR B 62 -27.01 -17.21 -29.40
N GLY B 63 -27.79 -17.67 -30.38
CA GLY B 63 -27.28 -17.79 -31.75
C GLY B 63 -28.05 -18.84 -32.55
N PRO B 64 -27.80 -18.93 -33.87
CA PRO B 64 -28.49 -19.90 -34.72
C PRO B 64 -27.96 -21.30 -34.49
N TRP B 65 -28.88 -22.22 -34.21
CA TRP B 65 -28.55 -23.62 -34.00
C TRP B 65 -27.76 -24.16 -35.19
N SER B 66 -28.11 -23.74 -36.41
CA SER B 66 -27.48 -24.28 -37.61
C SER B 66 -25.96 -24.06 -37.59
N ALA B 67 -25.52 -22.94 -37.01
CA ALA B 67 -24.09 -22.59 -36.96
C ALA B 67 -23.35 -23.39 -35.90
N LEU B 68 -24.05 -23.73 -34.81
CA LEU B 68 -23.49 -24.54 -33.75
C LEU B 68 -23.40 -26.00 -34.20
N GLU B 69 -24.34 -26.42 -35.06
CA GLU B 69 -24.32 -27.75 -35.64
C GLU B 69 -23.09 -27.89 -36.54
N GLN B 70 -22.91 -26.91 -37.44
CA GLN B 70 -21.78 -26.81 -38.35
C GLN B 70 -20.46 -26.96 -37.59
N ALA B 71 -20.28 -26.16 -36.53
CA ALA B 71 -19.04 -26.15 -35.78
C ALA B 71 -18.87 -27.44 -34.99
N ALA B 72 -19.98 -28.09 -34.63
CA ALA B 72 -19.92 -29.29 -33.80
C ALA B 72 -19.45 -30.49 -34.61
N GLN B 73 -19.88 -30.58 -35.88
CA GLN B 73 -19.49 -31.66 -36.76
C GLN B 73 -17.99 -31.52 -37.07
N ILE B 74 -17.58 -30.29 -37.39
CA ILE B 74 -16.21 -30.01 -37.80
C ILE B 74 -15.22 -30.33 -36.68
N CYS B 75 -15.45 -29.77 -35.48
CA CYS B 75 -14.57 -29.97 -34.34
C CYS B 75 -14.88 -31.28 -33.61
N GLN B 76 -15.92 -32.01 -34.07
CA GLN B 76 -16.27 -33.33 -33.57
C GLN B 76 -16.71 -33.25 -32.11
N MET B 77 -17.66 -32.35 -31.83
CA MET B 77 -18.13 -32.06 -30.49
C MET B 77 -19.65 -32.18 -30.42
N GLU B 78 -20.23 -33.16 -31.13
CA GLU B 78 -21.66 -33.34 -31.18
C GLU B 78 -22.22 -33.58 -29.78
N SER B 79 -21.53 -34.41 -28.98
CA SER B 79 -22.07 -34.82 -27.69
C SER B 79 -22.46 -33.59 -26.85
N LEU B 80 -21.71 -32.48 -27.05
CA LEU B 80 -21.79 -31.31 -26.18
C LEU B 80 -23.04 -30.46 -26.46
N LEU B 81 -23.53 -30.47 -27.70
CA LEU B 81 -24.65 -29.63 -28.10
C LEU B 81 -25.92 -30.03 -27.34
N GLN B 82 -26.04 -31.31 -27.01
CA GLN B 82 -27.22 -31.82 -26.30
C GLN B 82 -27.25 -31.28 -24.88
N ASP B 83 -26.07 -31.07 -24.29
CA ASP B 83 -25.97 -30.55 -22.93
C ASP B 83 -26.25 -29.05 -22.89
N LEU B 84 -25.95 -28.36 -24.01
CA LEU B 84 -25.93 -26.91 -24.01
C LEU B 84 -27.31 -26.35 -23.76
N ILE B 85 -27.35 -25.31 -22.93
CA ILE B 85 -28.54 -24.47 -22.78
C ILE B 85 -28.49 -23.43 -23.90
N HIS B 86 -29.55 -23.37 -24.71
CA HIS B 86 -29.52 -22.62 -25.95
C HIS B 86 -30.86 -21.97 -26.27
N GLU B 87 -30.80 -20.75 -26.78
CA GLU B 87 -31.97 -20.07 -27.31
C GLU B 87 -31.65 -19.70 -28.76
N GLU B 88 -32.55 -20.09 -29.68
CA GLU B 88 -32.42 -19.70 -31.07
C GLU B 88 -32.50 -18.17 -31.19
N ALA B 89 -31.52 -17.61 -31.90
CA ALA B 89 -31.52 -16.21 -32.28
C ALA B 89 -30.70 -16.05 -33.55
N GLY B 90 -31.04 -15.07 -34.38
CA GLY B 90 -30.31 -14.85 -35.63
C GLY B 90 -30.24 -16.10 -36.48
N SER B 91 -31.40 -16.75 -36.67
CA SER B 91 -31.52 -17.89 -37.56
C SER B 91 -31.11 -17.50 -38.96
N LEU B 92 -30.55 -18.46 -39.69
CA LEU B 92 -30.16 -18.24 -41.08
C LEU B 92 -31.17 -18.91 -42.00
N ALA B 93 -31.23 -18.42 -43.24
CA ALA B 93 -32.17 -18.92 -44.23
C ALA B 93 -31.46 -19.77 -45.29
N GLN B 94 -30.13 -19.92 -45.14
CA GLN B 94 -29.32 -20.68 -46.07
C GLN B 94 -28.20 -21.39 -45.29
N PRO B 95 -27.54 -22.42 -45.87
CA PRO B 95 -26.46 -23.11 -45.16
C PRO B 95 -25.34 -22.16 -44.74
N VAL B 96 -24.66 -22.55 -43.67
CA VAL B 96 -23.57 -21.77 -43.11
C VAL B 96 -22.37 -21.88 -44.05
N GLN B 97 -21.80 -20.72 -44.44
CA GLN B 97 -20.63 -20.66 -45.28
C GLN B 97 -19.47 -20.08 -44.47
N CYS B 98 -18.65 -20.94 -43.85
CA CYS B 98 -17.56 -20.46 -43.03
C CYS B 98 -16.61 -19.57 -43.86
N GLY B 99 -16.19 -18.44 -43.27
CA GLY B 99 -15.20 -17.58 -43.88
C GLY B 99 -15.79 -16.50 -44.78
N GLU B 100 -17.07 -16.60 -45.14
CA GLU B 100 -17.68 -15.72 -46.14
C GLU B 100 -18.43 -14.56 -45.48
N ILE B 101 -18.22 -13.34 -46.01
CA ILE B 101 -18.88 -12.15 -45.51
C ILE B 101 -20.23 -11.99 -46.20
N THR B 102 -21.35 -12.12 -45.46
CA THR B 102 -22.68 -12.04 -46.04
C THR B 102 -23.57 -11.18 -45.14
N PRO B 103 -24.46 -10.34 -45.75
CA PRO B 103 -25.45 -9.58 -44.97
C PRO B 103 -26.19 -10.42 -43.93
N GLN B 104 -26.48 -11.67 -44.25
CA GLN B 104 -27.27 -12.52 -43.39
C GLN B 104 -26.56 -12.75 -42.06
N ALA B 105 -25.27 -13.07 -42.14
CA ALA B 105 -24.47 -13.32 -40.95
C ALA B 105 -24.29 -12.01 -40.15
N GLY B 106 -24.30 -10.88 -40.87
CA GLY B 106 -24.30 -9.58 -40.24
C GLY B 106 -25.52 -9.42 -39.32
N LEU B 107 -26.68 -9.79 -39.86
CA LEU B 107 -27.93 -9.68 -39.14
C LEU B 107 -27.97 -10.67 -37.98
N SER B 108 -27.50 -11.90 -38.23
CA SER B 108 -27.47 -12.93 -37.21
C SER B 108 -26.75 -12.41 -35.96
N THR B 109 -25.57 -11.82 -36.18
CA THR B 109 -24.69 -11.31 -35.14
C THR B 109 -25.44 -10.39 -34.19
N VAL B 110 -26.17 -9.44 -34.78
CA VAL B 110 -26.83 -8.37 -34.06
C VAL B 110 -28.05 -8.92 -33.32
N GLN B 111 -28.77 -9.84 -33.97
CA GLN B 111 -29.95 -10.46 -33.36
C GLN B 111 -29.52 -11.29 -32.14
N SER B 112 -28.44 -12.05 -32.30
CA SER B 112 -27.93 -12.91 -31.24
C SER B 112 -27.50 -12.05 -30.05
N ALA B 113 -26.73 -11.00 -30.35
CA ALA B 113 -26.24 -10.11 -29.30
C ALA B 113 -27.41 -9.38 -28.64
N THR B 114 -28.42 -9.04 -29.45
CA THR B 114 -29.62 -8.41 -28.94
C THR B 114 -30.38 -9.36 -28.02
N ALA B 115 -30.48 -10.64 -28.40
CA ALA B 115 -31.16 -11.61 -27.56
C ALA B 115 -30.45 -11.74 -26.21
N ALA B 116 -29.13 -11.76 -26.26
CA ALA B 116 -28.34 -11.93 -25.05
C ALA B 116 -28.49 -10.74 -24.12
N ILE B 117 -28.56 -9.54 -24.69
CA ILE B 117 -28.60 -8.32 -23.88
C ILE B 117 -29.95 -8.19 -23.17
N ARG B 118 -31.03 -8.57 -23.86
CA ARG B 118 -32.38 -8.48 -23.31
C ARG B 118 -32.54 -9.50 -22.20
N ALA B 119 -31.79 -10.62 -22.31
CA ALA B 119 -31.77 -11.63 -21.28
C ALA B 119 -31.11 -11.09 -20.01
N CYS B 120 -30.07 -10.26 -20.19
CA CYS B 120 -29.41 -9.60 -19.06
C CYS B 120 -30.33 -8.53 -18.48
N GLU B 121 -30.91 -7.68 -19.34
CA GLU B 121 -31.83 -6.64 -18.89
C GLU B 121 -32.91 -7.22 -17.98
N SER B 122 -33.54 -8.32 -18.41
CA SER B 122 -34.71 -8.85 -17.74
C SER B 122 -34.30 -9.65 -16.50
N GLY B 123 -33.01 -9.99 -16.38
CA GLY B 123 -32.49 -10.62 -15.17
C GLY B 123 -32.29 -12.13 -15.29
N GLU B 124 -32.47 -12.67 -16.50
CA GLU B 124 -32.29 -14.09 -16.70
C GLU B 124 -30.82 -14.47 -16.57
N VAL B 125 -29.92 -13.54 -16.89
CA VAL B 125 -28.48 -13.74 -16.70
C VAL B 125 -27.91 -12.47 -16.10
N ASP B 126 -26.66 -12.58 -15.61
CA ASP B 126 -26.04 -11.58 -14.78
C ASP B 126 -25.07 -10.73 -15.62
N ALA B 127 -24.61 -11.26 -16.75
CA ALA B 127 -23.79 -10.52 -17.67
C ALA B 127 -23.81 -11.22 -19.02
N VAL B 128 -23.20 -10.56 -20.03
CA VAL B 128 -23.20 -11.06 -21.39
C VAL B 128 -21.77 -11.07 -21.93
N ILE B 129 -21.42 -12.13 -22.67
CA ILE B 129 -20.22 -12.15 -23.48
C ILE B 129 -20.64 -12.29 -24.95
N ALA B 130 -20.15 -11.40 -25.80
CA ALA B 130 -20.38 -11.44 -27.24
C ALA B 130 -19.12 -11.92 -27.95
N CYS B 131 -19.27 -13.00 -28.71
CA CYS B 131 -18.19 -13.49 -29.56
C CYS B 131 -18.07 -12.54 -30.74
N PRO B 132 -16.98 -12.63 -31.54
CA PRO B 132 -16.67 -11.60 -32.52
C PRO B 132 -17.66 -11.40 -33.65
N HIS B 133 -17.80 -10.12 -34.05
CA HIS B 133 -18.62 -9.68 -35.16
C HIS B 133 -17.76 -9.33 -36.36
N HIS B 134 -18.38 -9.13 -37.53
CA HIS B 134 -17.67 -8.57 -38.67
C HIS B 134 -18.35 -7.29 -39.13
N GLU B 135 -17.64 -6.15 -38.98
CA GLU B 135 -18.24 -4.83 -39.20
C GLU B 135 -18.84 -4.75 -40.59
N THR B 136 -18.12 -5.25 -41.61
CA THR B 136 -18.56 -5.18 -42.99
C THR B 136 -19.89 -5.88 -43.15
N ALA B 137 -19.96 -7.11 -42.61
CA ALA B 137 -21.14 -7.95 -42.71
C ALA B 137 -22.35 -7.21 -42.14
N ILE B 138 -22.16 -6.54 -40.99
CA ILE B 138 -23.25 -5.87 -40.31
C ILE B 138 -23.69 -4.66 -41.13
N HIS B 139 -22.72 -3.95 -41.69
CA HIS B 139 -23.03 -2.76 -42.48
C HIS B 139 -23.76 -3.19 -43.76
N ARG B 140 -23.36 -4.33 -44.34
CA ARG B 140 -23.98 -4.78 -45.59
C ARG B 140 -25.42 -5.22 -45.37
N ALA B 141 -25.83 -5.46 -44.12
CA ALA B 141 -27.22 -5.75 -43.83
C ALA B 141 -28.03 -4.45 -43.71
N GLY B 142 -27.34 -3.30 -43.74
CA GLY B 142 -27.97 -2.00 -43.62
C GLY B 142 -28.19 -1.63 -42.15
N ILE B 143 -27.28 -2.06 -41.29
CA ILE B 143 -27.41 -1.84 -39.86
C ILE B 143 -26.28 -0.92 -39.41
N ALA B 144 -26.69 0.20 -38.79
CA ALA B 144 -25.77 1.13 -38.16
C ALA B 144 -25.14 0.45 -36.96
N PHE B 145 -23.80 0.48 -36.91
CA PHE B 145 -23.07 -0.19 -35.84
C PHE B 145 -21.72 0.48 -35.65
N SER B 146 -21.60 1.18 -34.51
CA SER B 146 -20.38 1.90 -34.16
C SER B 146 -19.75 1.26 -32.92
N GLY B 147 -20.08 -0.01 -32.65
CA GLY B 147 -19.53 -0.74 -31.52
C GLY B 147 -20.61 -1.14 -30.50
N TYR B 148 -20.19 -1.93 -29.51
CA TYR B 148 -21.08 -2.46 -28.49
C TYR B 148 -21.66 -1.35 -27.63
N PRO B 149 -20.88 -0.33 -27.19
CA PRO B 149 -21.46 0.84 -26.53
C PRO B 149 -22.75 1.32 -27.20
N SER B 150 -22.69 1.53 -28.53
CA SER B 150 -23.83 2.02 -29.30
C SER B 150 -24.97 1.01 -29.23
N LEU B 151 -24.69 -0.24 -29.63
CA LEU B 151 -25.73 -1.26 -29.76
C LEU B 151 -26.48 -1.39 -28.44
N LEU B 152 -25.70 -1.45 -27.35
CA LEU B 152 -26.24 -1.70 -26.03
C LEU B 152 -27.18 -0.57 -25.64
N ALA B 153 -26.74 0.67 -25.89
CA ALA B 153 -27.53 1.85 -25.59
C ALA B 153 -28.85 1.78 -26.35
N ASN B 154 -28.75 1.62 -27.67
CA ASN B 154 -29.90 1.51 -28.54
C ASN B 154 -30.89 0.50 -27.98
N VAL B 155 -30.43 -0.71 -27.70
CA VAL B 155 -31.29 -1.82 -27.30
C VAL B 155 -31.96 -1.53 -25.95
N LEU B 156 -31.31 -0.77 -25.07
CA LEU B 156 -31.82 -0.53 -23.72
C LEU B 156 -32.60 0.80 -23.63
N GLY B 157 -32.53 1.62 -24.67
CA GLY B 157 -33.24 2.90 -24.69
C GLY B 157 -32.51 3.98 -23.90
N MET B 158 -31.17 3.88 -23.83
CA MET B 158 -30.33 4.87 -23.18
C MET B 158 -29.62 5.74 -24.22
N ASN B 159 -29.12 6.90 -23.79
CA ASN B 159 -28.28 7.74 -24.64
C ASN B 159 -26.90 7.08 -24.71
N GLU B 160 -26.18 7.32 -25.82
CA GLU B 160 -24.95 6.59 -26.09
C GLU B 160 -23.86 6.96 -25.08
N ASP B 161 -24.01 8.14 -24.44
CA ASP B 161 -23.02 8.67 -23.51
C ASP B 161 -23.29 8.23 -22.06
N GLU B 162 -24.35 7.41 -21.86
CA GLU B 162 -24.64 6.82 -20.56
C GLU B 162 -24.13 5.37 -20.49
N VAL B 163 -23.58 4.89 -21.60
CA VAL B 163 -22.87 3.63 -21.64
C VAL B 163 -21.38 3.97 -21.71
N PHE B 164 -20.59 3.33 -20.86
CA PHE B 164 -19.17 3.62 -20.78
C PHE B 164 -18.43 2.35 -21.10
N LEU B 165 -17.16 2.50 -21.52
CA LEU B 165 -16.31 1.37 -21.84
C LEU B 165 -15.26 1.22 -20.75
N MET B 166 -15.22 0.04 -20.12
CA MET B 166 -14.14 -0.32 -19.21
C MET B 166 -13.25 -1.36 -19.89
N LEU B 167 -11.95 -1.08 -20.00
CA LEU B 167 -10.97 -2.09 -20.38
C LEU B 167 -10.45 -2.80 -19.13
N VAL B 168 -10.20 -4.11 -19.25
CA VAL B 168 -9.67 -4.91 -18.16
C VAL B 168 -8.58 -5.82 -18.70
N GLY B 169 -7.37 -5.68 -18.14
CA GLY B 169 -6.25 -6.54 -18.46
C GLY B 169 -5.09 -6.29 -17.52
N ALA B 170 -4.36 -7.37 -17.18
CA ALA B 170 -3.19 -7.32 -16.33
C ALA B 170 -3.49 -6.62 -15.00
N GLY B 171 -4.67 -6.89 -14.42
CA GLY B 171 -5.01 -6.38 -13.11
C GLY B 171 -5.49 -4.94 -13.14
N LEU B 172 -5.45 -4.29 -14.31
CA LEU B 172 -5.90 -2.92 -14.49
C LEU B 172 -7.37 -2.93 -14.91
N ARG B 173 -8.15 -2.05 -14.28
CA ARG B 173 -9.50 -1.76 -14.71
C ARG B 173 -9.57 -0.26 -14.91
N ILE B 174 -9.86 0.16 -16.15
CA ILE B 174 -9.91 1.57 -16.48
C ILE B 174 -11.21 1.86 -17.24
N VAL B 175 -12.13 2.55 -16.57
CA VAL B 175 -13.31 3.08 -17.23
C VAL B 175 -12.92 4.38 -17.92
N HIS B 176 -13.64 4.73 -18.98
CA HIS B 176 -13.38 5.93 -19.76
C HIS B 176 -14.63 6.79 -19.77
N VAL B 177 -14.48 8.07 -19.42
CA VAL B 177 -15.61 8.98 -19.37
C VAL B 177 -16.00 9.38 -20.79
N THR B 178 -14.99 9.52 -21.67
CA THR B 178 -15.22 9.71 -23.10
C THR B 178 -14.46 8.61 -23.84
N LEU B 179 -14.76 8.42 -25.12
CA LEU B 179 -14.20 7.29 -25.85
C LEU B 179 -13.87 7.70 -27.28
N HIS B 180 -14.62 7.20 -28.26
CA HIS B 180 -14.25 7.29 -29.66
C HIS B 180 -14.77 8.62 -30.22
N GLU B 181 -14.09 9.71 -29.85
CA GLU B 181 -14.43 11.03 -30.35
C GLU B 181 -13.18 11.90 -30.33
N SER B 182 -13.27 13.05 -31.03
CA SER B 182 -12.22 14.05 -31.07
C SER B 182 -11.85 14.51 -29.67
N VAL B 183 -10.58 14.87 -29.48
CA VAL B 183 -10.11 15.26 -28.15
C VAL B 183 -10.86 16.51 -27.71
N ARG B 184 -11.02 17.46 -28.64
CA ARG B 184 -11.68 18.72 -28.33
C ARG B 184 -13.16 18.46 -28.00
N SER B 185 -13.81 17.59 -28.77
CA SER B 185 -15.20 17.24 -28.52
C SER B 185 -15.37 16.59 -27.15
N ALA B 186 -14.36 15.83 -26.72
CA ALA B 186 -14.34 15.21 -25.40
C ALA B 186 -14.28 16.27 -24.32
N LEU B 187 -13.40 17.26 -24.50
CA LEU B 187 -13.20 18.29 -23.48
C LEU B 187 -14.49 19.09 -23.29
N GLU B 188 -15.23 19.30 -24.39
CA GLU B 188 -16.46 20.08 -24.39
C GLU B 188 -17.60 19.32 -23.73
N ARG B 189 -17.56 17.99 -23.79
CA ARG B 189 -18.62 17.15 -23.24
C ARG B 189 -18.40 16.92 -21.74
N LEU B 190 -17.14 17.01 -21.28
CA LEU B 190 -16.82 16.63 -19.92
C LEU B 190 -17.58 17.54 -18.98
N SER B 191 -18.25 16.92 -17.99
CA SER B 191 -18.91 17.67 -16.93
C SER B 191 -18.81 16.85 -15.65
N PRO B 192 -19.04 17.48 -14.48
CA PRO B 192 -19.04 16.74 -13.21
C PRO B 192 -19.98 15.53 -13.25
N GLN B 193 -21.17 15.73 -13.85
CA GLN B 193 -22.18 14.68 -13.95
C GLN B 193 -21.65 13.50 -14.75
N LEU B 194 -20.98 13.76 -15.88
CA LEU B 194 -20.58 12.69 -16.77
C LEU B 194 -19.54 11.82 -16.08
N VAL B 195 -18.70 12.45 -15.26
CA VAL B 195 -17.71 11.72 -14.49
C VAL B 195 -18.42 10.84 -13.46
N ILE B 196 -19.40 11.43 -12.77
CA ILE B 196 -20.12 10.73 -11.72
C ILE B 196 -20.76 9.48 -12.31
N ASN B 197 -21.41 9.62 -13.47
CA ASN B 197 -22.09 8.52 -14.12
C ASN B 197 -21.11 7.38 -14.43
N ALA B 198 -19.92 7.72 -14.93
CA ALA B 198 -18.92 6.73 -15.32
C ALA B 198 -18.50 5.90 -14.11
N VAL B 199 -18.25 6.58 -12.98
CA VAL B 199 -17.77 5.94 -11.77
C VAL B 199 -18.85 5.04 -11.18
N ASP B 200 -20.09 5.55 -11.11
CA ASP B 200 -21.22 4.77 -10.66
C ASP B 200 -21.32 3.48 -11.48
N ALA B 201 -21.26 3.61 -12.81
CA ALA B 201 -21.39 2.49 -13.71
C ALA B 201 -20.26 1.49 -13.45
N ALA B 202 -19.06 2.03 -13.18
CA ALA B 202 -17.85 1.23 -13.07
C ALA B 202 -17.74 0.56 -11.70
N VAL B 203 -18.27 1.20 -10.65
CA VAL B 203 -18.26 0.62 -9.31
C VAL B 203 -19.27 -0.53 -9.26
N GLN B 204 -20.47 -0.32 -9.81
CA GLN B 204 -21.45 -1.39 -9.98
C GLN B 204 -20.79 -2.58 -10.69
N THR B 205 -20.14 -2.30 -11.83
CA THR B 205 -19.46 -3.31 -12.62
C THR B 205 -18.38 -4.01 -11.79
N CYS B 206 -17.76 -3.27 -10.87
CA CYS B 206 -16.68 -3.81 -10.05
C CYS B 206 -17.20 -4.86 -9.07
N THR B 207 -18.42 -4.67 -8.55
CA THR B 207 -19.02 -5.65 -7.65
C THR B 207 -19.14 -6.99 -8.39
N LEU B 208 -19.62 -6.94 -9.63
CA LEU B 208 -19.81 -8.13 -10.44
C LEU B 208 -18.47 -8.80 -10.75
N LEU B 209 -17.43 -7.99 -10.94
CA LEU B 209 -16.13 -8.53 -11.28
C LEU B 209 -15.47 -9.16 -10.06
N GLY B 210 -15.99 -8.83 -8.86
CA GLY B 210 -15.59 -9.47 -7.62
C GLY B 210 -14.82 -8.53 -6.69
N VAL B 211 -14.93 -7.21 -6.92
CA VAL B 211 -14.28 -6.22 -6.07
C VAL B 211 -15.35 -5.28 -5.51
N PRO B 212 -16.03 -5.65 -4.40
CA PRO B 212 -17.26 -4.96 -4.01
C PRO B 212 -17.05 -3.50 -3.58
N LYS B 213 -15.95 -3.24 -2.87
CA LYS B 213 -15.73 -1.93 -2.24
C LYS B 213 -14.41 -1.36 -2.76
N PRO B 214 -14.35 -0.95 -4.05
CA PRO B 214 -13.06 -0.66 -4.70
C PRO B 214 -12.38 0.64 -4.25
N GLN B 215 -11.05 0.62 -4.32
CA GLN B 215 -10.23 1.83 -4.24
C GLN B 215 -10.14 2.43 -5.65
N VAL B 216 -10.54 3.71 -5.78
CA VAL B 216 -10.74 4.33 -7.08
C VAL B 216 -9.72 5.45 -7.24
N ALA B 217 -9.17 5.56 -8.45
CA ALA B 217 -8.32 6.69 -8.80
C ALA B 217 -8.90 7.41 -10.03
N VAL B 218 -8.95 8.74 -9.97
CA VAL B 218 -9.50 9.55 -11.04
C VAL B 218 -8.35 10.30 -11.70
N PHE B 219 -8.15 10.09 -13.01
CA PHE B 219 -7.15 10.82 -13.77
C PHE B 219 -7.56 12.29 -13.91
N GLY B 220 -6.55 13.17 -13.96
CA GLY B 220 -6.74 14.55 -14.35
C GLY B 220 -6.92 14.69 -15.85
N ILE B 221 -7.72 15.68 -16.26
CA ILE B 221 -7.89 16.04 -17.65
C ILE B 221 -6.57 16.63 -18.17
N ASN B 222 -5.99 17.53 -17.38
CA ASN B 222 -4.74 18.16 -17.76
C ASN B 222 -3.58 17.45 -17.08
N PRO B 223 -2.34 17.57 -17.64
CA PRO B 223 -1.14 17.09 -16.98
C PRO B 223 -1.08 17.53 -15.52
N HIS B 224 -0.72 16.57 -14.64
CA HIS B 224 -0.53 16.84 -13.22
C HIS B 224 -1.86 17.30 -12.60
N ALA B 225 -2.98 16.93 -13.25
CA ALA B 225 -4.32 17.32 -12.83
C ALA B 225 -4.43 18.84 -12.70
N SER B 226 -3.87 19.55 -13.70
CA SER B 226 -3.92 21.00 -13.78
C SER B 226 -2.98 21.65 -12.75
N GLU B 227 -2.47 20.84 -11.83
CA GLU B 227 -1.54 21.29 -10.79
C GLU B 227 -2.10 22.53 -10.10
N GLY B 228 -3.33 22.43 -9.57
CA GLY B 228 -4.00 23.57 -8.94
C GLY B 228 -4.19 24.79 -9.85
N GLN B 229 -4.86 24.59 -10.99
CA GLN B 229 -5.28 25.66 -11.90
C GLN B 229 -4.12 26.19 -12.73
N LEU B 230 -2.88 25.76 -12.45
CA LEU B 230 -1.74 26.33 -13.16
C LEU B 230 -1.79 25.94 -14.65
N PHE B 231 -2.14 24.67 -14.93
CA PHE B 231 -2.18 24.18 -16.30
C PHE B 231 -3.63 23.94 -16.72
N GLY B 232 -4.45 25.01 -16.72
CA GLY B 232 -5.82 24.94 -17.17
C GLY B 232 -6.80 24.83 -16.00
N LEU B 233 -8.05 25.22 -16.26
CA LEU B 233 -9.10 25.31 -15.25
C LEU B 233 -10.00 24.07 -15.26
N GLU B 234 -9.77 23.14 -16.22
CA GLU B 234 -10.70 22.06 -16.47
C GLU B 234 -10.82 21.14 -15.25
N ASP B 235 -9.71 20.93 -14.53
CA ASP B 235 -9.74 19.98 -13.43
C ASP B 235 -10.45 20.57 -12.22
N SER B 236 -10.38 21.90 -12.05
CA SER B 236 -11.04 22.53 -10.91
C SER B 236 -12.54 22.64 -11.15
N GLN B 237 -12.97 22.58 -12.42
CA GLN B 237 -14.36 22.75 -12.78
C GLN B 237 -15.08 21.41 -12.89
N ILE B 238 -14.32 20.33 -13.17
CA ILE B 238 -14.91 19.07 -13.61
C ILE B 238 -14.55 17.93 -12.65
N THR B 239 -13.26 17.62 -12.48
CA THR B 239 -12.85 16.43 -11.76
C THR B 239 -12.85 16.67 -10.25
N VAL B 240 -12.47 17.88 -9.81
CA VAL B 240 -12.40 18.17 -8.38
C VAL B 240 -13.81 18.16 -7.82
N PRO B 241 -14.81 18.89 -8.38
CA PRO B 241 -16.18 18.84 -7.88
C PRO B 241 -16.79 17.43 -7.90
N ALA B 242 -16.44 16.64 -8.92
CA ALA B 242 -17.00 15.31 -9.08
C ALA B 242 -16.54 14.38 -7.97
N VAL B 243 -15.24 14.47 -7.62
CA VAL B 243 -14.63 13.61 -6.61
C VAL B 243 -15.22 13.94 -5.24
N GLU B 244 -15.56 15.22 -4.99
CA GLU B 244 -16.07 15.60 -3.68
C GLU B 244 -17.52 15.18 -3.51
N THR B 245 -18.30 15.11 -4.61
CA THR B 245 -19.66 14.59 -4.57
C THR B 245 -19.63 13.08 -4.28
N LEU B 246 -18.68 12.37 -4.91
CA LEU B 246 -18.59 10.92 -4.81
C LEU B 246 -18.11 10.48 -3.42
N ARG B 247 -17.28 11.30 -2.77
CA ARG B 247 -16.87 11.07 -1.38
C ARG B 247 -18.06 11.25 -0.46
N LYS B 248 -18.87 12.32 -0.65
CA LYS B 248 -20.03 12.62 0.16
C LYS B 248 -21.02 11.45 0.24
N ARG B 249 -21.10 10.67 -0.85
CA ARG B 249 -21.94 9.49 -0.90
C ARG B 249 -21.21 8.26 -0.36
N GLY B 250 -19.92 8.42 -0.02
CA GLY B 250 -19.20 7.49 0.83
C GLY B 250 -18.27 6.55 0.06
N LEU B 251 -17.71 7.02 -1.07
CA LEU B 251 -16.85 6.16 -1.88
C LEU B 251 -15.38 6.48 -1.60
N THR B 252 -14.52 5.44 -1.72
CA THR B 252 -13.08 5.58 -1.56
C THR B 252 -12.49 6.01 -2.91
N VAL B 253 -12.08 7.29 -2.99
CA VAL B 253 -11.72 7.95 -4.24
C VAL B 253 -10.58 8.91 -3.97
N ASP B 254 -9.42 8.67 -4.63
CA ASP B 254 -8.32 9.61 -4.64
C ASP B 254 -8.31 10.35 -5.98
N GLY B 255 -8.08 11.66 -5.94
CA GLY B 255 -7.81 12.41 -7.17
C GLY B 255 -8.61 13.71 -7.26
N PRO B 256 -8.54 14.43 -8.40
CA PRO B 256 -7.75 13.98 -9.56
C PRO B 256 -6.25 14.01 -9.33
N MET B 257 -5.56 13.05 -9.93
CA MET B 257 -4.10 13.01 -9.95
C MET B 257 -3.65 12.86 -11.39
N GLY B 258 -2.38 13.19 -11.66
CA GLY B 258 -1.79 12.97 -12.97
C GLY B 258 -1.75 11.49 -13.32
N ALA B 259 -2.29 11.12 -14.51
CA ALA B 259 -2.56 9.74 -14.86
C ALA B 259 -1.28 8.92 -14.78
N ASP B 260 -0.18 9.50 -15.27
CA ASP B 260 1.12 8.86 -15.27
C ASP B 260 1.50 8.43 -13.85
N MET B 261 1.38 9.35 -12.90
CA MET B 261 1.89 9.14 -11.55
C MET B 261 1.06 8.06 -10.84
N VAL B 262 -0.28 8.08 -11.02
CA VAL B 262 -1.17 7.20 -10.28
C VAL B 262 -0.97 5.75 -10.75
N LEU B 263 -1.10 5.55 -12.07
CA LEU B 263 -1.00 4.22 -12.65
C LEU B 263 0.26 3.54 -12.16
N ALA B 264 1.36 4.30 -12.04
CA ALA B 264 2.65 3.73 -11.69
C ALA B 264 2.62 3.06 -10.32
N GLN B 265 1.85 3.65 -9.38
CA GLN B 265 1.77 3.13 -8.02
C GLN B 265 1.09 1.77 -7.98
N ARG B 266 0.17 1.52 -8.92
CA ARG B 266 -0.51 0.23 -9.06
C ARG B 266 -1.13 -0.19 -7.73
N LYS B 267 -1.97 0.69 -7.14
CA LYS B 267 -2.52 0.43 -5.82
C LYS B 267 -4.02 0.73 -5.77
N HIS B 268 -4.68 0.79 -6.94
CA HIS B 268 -6.12 0.98 -7.00
C HIS B 268 -6.75 -0.13 -7.81
N ASP B 269 -8.06 -0.35 -7.60
CA ASP B 269 -8.79 -1.40 -8.28
C ASP B 269 -9.53 -0.88 -9.51
N LEU B 270 -9.59 0.45 -9.65
CA LEU B 270 -10.33 1.08 -10.73
C LEU B 270 -9.72 2.44 -11.00
N TYR B 271 -9.33 2.67 -12.25
CA TYR B 271 -8.85 3.97 -12.67
C TYR B 271 -9.89 4.59 -13.59
N VAL B 272 -10.02 5.93 -13.52
CA VAL B 272 -11.05 6.64 -14.27
C VAL B 272 -10.38 7.60 -15.25
N ALA B 273 -10.34 7.19 -16.52
CA ALA B 273 -9.63 7.93 -17.55
C ALA B 273 -10.58 8.95 -18.17
N MET B 274 -10.05 10.13 -18.50
CA MET B 274 -10.84 11.20 -19.09
C MET B 274 -10.87 11.08 -20.61
N LEU B 275 -9.76 10.64 -21.22
CA LEU B 275 -9.65 10.53 -22.67
C LEU B 275 -9.28 9.10 -23.08
N HIS B 276 -9.57 8.76 -24.33
CA HIS B 276 -9.38 7.41 -24.85
C HIS B 276 -7.96 6.94 -24.55
N ASP B 277 -6.98 7.70 -25.05
CA ASP B 277 -5.60 7.29 -25.06
C ASP B 277 -5.06 7.15 -23.63
N GLN B 278 -5.61 7.93 -22.68
CA GLN B 278 -5.11 7.88 -21.32
C GLN B 278 -5.33 6.48 -20.74
N GLY B 279 -6.36 5.78 -21.21
CA GLY B 279 -6.71 4.47 -20.66
C GLY B 279 -6.29 3.31 -21.56
N HIS B 280 -6.09 3.55 -22.86
CA HIS B 280 -5.85 2.48 -23.82
C HIS B 280 -4.35 2.18 -23.92
N ILE B 281 -3.50 3.19 -23.69
CA ILE B 281 -2.07 2.98 -23.79
C ILE B 281 -1.61 2.03 -22.67
N PRO B 282 -1.91 2.32 -21.39
CA PRO B 282 -1.48 1.44 -20.31
C PRO B 282 -1.91 0.00 -20.54
N ILE B 283 -3.16 -0.17 -21.03
CA ILE B 283 -3.79 -1.48 -21.14
C ILE B 283 -3.12 -2.31 -22.24
N LYS B 284 -2.91 -1.72 -23.42
CA LYS B 284 -2.40 -2.47 -24.56
C LYS B 284 -0.90 -2.76 -24.42
N LEU B 285 -0.23 -1.98 -23.58
CA LEU B 285 1.19 -2.14 -23.36
C LEU B 285 1.43 -3.29 -22.38
N LEU B 286 0.59 -3.39 -21.32
CA LEU B 286 0.75 -4.40 -20.30
C LEU B 286 0.02 -5.70 -20.64
N ALA B 287 -1.07 -5.63 -21.41
CA ALA B 287 -1.82 -6.83 -21.74
C ALA B 287 -2.02 -6.94 -23.25
N PRO B 288 -0.95 -7.28 -24.01
CA PRO B 288 -1.12 -7.68 -25.41
C PRO B 288 -1.59 -9.15 -25.46
N GLY B 290 -4.52 -9.30 -25.05
CA GLY B 290 -5.10 -10.03 -23.90
C GLY B 290 -5.85 -9.12 -22.92
N ALA B 291 -6.68 -8.23 -23.47
CA ALA B 291 -7.53 -7.33 -22.69
C ALA B 291 -9.00 -7.61 -23.03
N SER B 292 -9.90 -7.40 -22.05
CA SER B 292 -11.32 -7.50 -22.29
C SER B 292 -11.95 -6.10 -22.33
N ALA B 293 -12.93 -5.89 -23.21
CA ALA B 293 -13.63 -4.61 -23.31
C ALA B 293 -15.06 -4.75 -22.79
N LEU B 294 -15.37 -4.08 -21.68
CA LEU B 294 -16.67 -4.16 -21.03
C LEU B 294 -17.47 -2.89 -21.33
N SER B 295 -18.62 -3.07 -22.01
CA SER B 295 -19.60 -2.03 -22.20
C SER B 295 -20.62 -2.13 -21.07
N ILE B 296 -20.85 -1.03 -20.36
CA ILE B 296 -21.61 -1.06 -19.12
C ILE B 296 -22.75 -0.05 -19.20
N GLY B 297 -23.98 -0.56 -19.07
CA GLY B 297 -25.18 0.25 -19.23
C GLY B 297 -26.35 -0.38 -18.47
N GLY B 298 -26.94 0.38 -17.54
CA GLY B 298 -27.90 -0.19 -16.62
C GLY B 298 -27.24 -1.31 -15.81
N ARG B 299 -27.93 -2.45 -15.71
CA ARG B 299 -27.40 -3.60 -15.00
C ARG B 299 -26.56 -4.47 -15.94
N VAL B 300 -26.41 -4.02 -17.19
CA VAL B 300 -25.90 -4.88 -18.25
C VAL B 300 -24.39 -4.65 -18.40
N VAL B 301 -23.62 -5.71 -18.14
CA VAL B 301 -22.22 -5.70 -18.50
C VAL B 301 -22.06 -6.63 -19.70
N LEU B 302 -21.63 -6.06 -20.83
CA LEU B 302 -21.34 -6.81 -22.05
C LEU B 302 -19.84 -6.77 -22.32
N SER B 303 -19.23 -7.92 -22.56
CA SER B 303 -17.82 -7.97 -22.89
C SER B 303 -17.60 -8.59 -24.26
N SER B 304 -16.65 -8.04 -25.01
CA SER B 304 -16.11 -8.71 -26.18
C SER B 304 -15.02 -9.66 -25.72
N VAL B 305 -14.69 -10.63 -26.58
CA VAL B 305 -13.39 -11.27 -26.57
C VAL B 305 -12.42 -10.24 -27.16
N GLY B 306 -11.12 -10.34 -26.87
CA GLY B 306 -10.17 -9.33 -27.33
C GLY B 306 -9.59 -9.59 -28.73
N HIS B 307 -10.42 -10.02 -29.70
CA HIS B 307 -9.92 -10.39 -31.02
C HIS B 307 -11.05 -10.33 -32.05
N GLY B 308 -10.67 -10.43 -33.34
CA GLY B 308 -11.62 -10.28 -34.43
C GLY B 308 -12.31 -11.60 -34.76
N SER B 309 -13.08 -11.63 -35.87
CA SER B 309 -13.88 -12.81 -36.22
C SER B 309 -13.03 -13.86 -36.93
N ALA B 310 -11.86 -13.42 -37.44
CA ALA B 310 -10.85 -14.28 -38.04
C ALA B 310 -11.44 -15.12 -39.16
N MET B 311 -11.97 -14.47 -40.20
CA MET B 311 -12.66 -15.16 -41.28
C MET B 311 -11.73 -16.10 -42.06
N ASP B 312 -10.41 -15.88 -42.01
CA ASP B 312 -9.46 -16.66 -42.79
C ASP B 312 -9.19 -18.03 -42.18
N ILE B 313 -9.50 -18.23 -40.89
CA ILE B 313 -9.33 -19.52 -40.23
C ILE B 313 -10.68 -20.14 -39.86
N ALA B 314 -11.76 -19.42 -40.17
CA ALA B 314 -13.10 -19.87 -39.83
C ALA B 314 -13.33 -21.28 -40.37
N GLY B 315 -13.72 -22.18 -39.46
CA GLY B 315 -14.42 -23.39 -39.84
C GLY B 315 -13.48 -24.53 -40.21
N ARG B 316 -12.17 -24.38 -39.93
CA ARG B 316 -11.22 -25.48 -40.09
C ARG B 316 -10.96 -26.18 -38.76
N GLY B 317 -11.58 -25.70 -37.68
CA GLY B 317 -11.48 -26.32 -36.37
C GLY B 317 -10.12 -26.11 -35.71
N VAL B 318 -9.50 -24.95 -36.01
CA VAL B 318 -8.13 -24.66 -35.57
C VAL B 318 -8.10 -23.38 -34.72
N ALA B 319 -9.25 -22.89 -34.25
CA ALA B 319 -9.34 -21.60 -33.60
C ALA B 319 -9.18 -21.75 -32.08
N ASP B 320 -8.65 -20.69 -31.48
CA ASP B 320 -8.24 -20.65 -30.08
C ASP B 320 -9.32 -20.00 -29.21
N ALA B 321 -9.65 -20.66 -28.09
CA ALA B 321 -10.72 -20.21 -27.22
C ALA B 321 -10.17 -19.53 -25.97
N THR B 322 -8.84 -19.35 -25.89
CA THR B 322 -8.19 -18.87 -24.67
C THR B 322 -8.72 -17.49 -24.30
N ALA B 323 -8.95 -16.64 -25.31
CA ALA B 323 -9.45 -15.29 -25.07
C ALA B 323 -10.88 -15.36 -24.56
N LEU B 324 -11.68 -16.29 -25.10
CA LEU B 324 -13.04 -16.42 -24.64
C LEU B 324 -13.07 -16.94 -23.20
N LEU B 325 -12.19 -17.90 -22.88
CA LEU B 325 -12.14 -18.50 -21.56
C LEU B 325 -11.66 -17.49 -20.52
N ARG B 326 -10.68 -16.66 -20.91
CA ARG B 326 -10.22 -15.57 -20.07
C ARG B 326 -11.36 -14.61 -19.75
N THR B 327 -12.26 -14.36 -20.74
CA THR B 327 -13.36 -13.44 -20.58
C THR B 327 -14.41 -14.03 -19.64
N ILE B 328 -14.65 -15.34 -19.78
CA ILE B 328 -15.62 -16.04 -18.94
C ILE B 328 -15.12 -16.06 -17.50
N ALA B 329 -13.81 -16.31 -17.30
CA ALA B 329 -13.22 -16.31 -15.97
C ALA B 329 -13.42 -14.94 -15.32
N LEU B 330 -13.33 -13.89 -16.15
CA LEU B 330 -13.35 -12.52 -15.68
C LEU B 330 -14.76 -12.10 -15.24
N LEU B 331 -15.76 -12.41 -16.07
CA LEU B 331 -17.15 -12.05 -15.80
C LEU B 331 -17.82 -13.09 -14.89
N GLY B 332 -17.18 -14.24 -14.66
CA GLY B 332 -17.76 -15.28 -13.83
C GLY B 332 -17.10 -15.39 -12.47
N ALA B 333 -16.53 -14.29 -11.97
CA ALA B 333 -15.78 -14.29 -10.73
C ALA B 333 -16.73 -14.36 -9.54
N GLN B 334 -16.27 -14.95 -8.44
CA GLN B 334 -17.14 -15.20 -7.31
C GLN B 334 -17.35 -13.92 -6.50
N PRO B 335 -18.57 -13.74 -5.93
CA PRO B 335 -18.83 -12.66 -4.98
C PRO B 335 -17.93 -12.78 -3.75
N ALA C 21 35.28 -6.54 -16.01
CA ALA C 21 35.00 -5.15 -15.62
C ALA C 21 34.68 -4.33 -16.86
N MET C 22 33.76 -3.36 -16.70
CA MET C 22 32.97 -2.84 -17.79
C MET C 22 33.18 -1.34 -17.98
N THR C 23 33.18 -0.93 -19.27
CA THR C 23 33.25 0.45 -19.67
C THR C 23 31.86 0.94 -20.07
N ILE C 24 31.35 2.00 -19.41
CA ILE C 24 30.04 2.54 -19.73
C ILE C 24 30.13 3.93 -20.35
N VAL C 25 31.26 4.64 -20.15
CA VAL C 25 31.43 5.99 -20.65
C VAL C 25 32.38 5.97 -21.85
N HIS C 26 31.85 6.32 -23.03
CA HIS C 26 32.60 6.23 -24.27
C HIS C 26 32.71 7.60 -24.94
N ARG C 27 32.28 8.66 -24.24
CA ARG C 27 32.37 10.01 -24.80
C ARG C 27 32.47 11.04 -23.69
N ARG C 28 32.72 12.29 -24.09
CA ARG C 28 32.94 13.38 -23.16
C ARG C 28 31.60 13.85 -22.59
N LEU C 29 31.58 14.06 -21.26
CA LEU C 29 30.37 14.46 -20.57
C LEU C 29 30.70 15.51 -19.52
N ALA C 30 29.71 16.38 -19.26
CA ALA C 30 29.77 17.33 -18.16
C ALA C 30 28.88 16.86 -17.03
N LEU C 31 29.36 16.97 -15.79
CA LEU C 31 28.59 16.55 -14.64
C LEU C 31 28.51 17.72 -13.67
N ALA C 32 27.41 18.47 -13.74
CA ALA C 32 27.14 19.50 -12.76
C ALA C 32 26.65 18.83 -11.48
N ILE C 33 27.20 19.25 -10.33
CA ILE C 33 27.04 18.48 -9.12
C ILE C 33 25.77 18.88 -8.35
N GLY C 34 24.98 19.79 -8.91
CA GLY C 34 23.69 20.11 -8.32
C GLY C 34 23.85 20.91 -7.04
N ASP C 35 22.86 20.82 -6.15
CA ASP C 35 22.86 21.56 -4.91
C ASP C 35 24.01 21.08 -4.05
N PRO C 36 24.95 21.97 -3.67
CA PRO C 36 26.15 21.57 -2.93
C PRO C 36 25.92 21.17 -1.47
N HIS C 37 24.70 21.41 -0.98
CA HIS C 37 24.30 21.01 0.35
C HIS C 37 23.58 19.66 0.31
N GLY C 38 23.21 19.22 -0.90
CA GLY C 38 22.49 17.96 -1.07
C GLY C 38 23.45 16.79 -1.20
N ILE C 39 22.92 15.68 -1.73
CA ILE C 39 23.66 14.45 -1.91
C ILE C 39 24.34 14.44 -3.28
N GLY C 40 24.20 15.54 -4.04
CA GLY C 40 24.77 15.64 -5.37
C GLY C 40 26.28 15.45 -5.36
N PRO C 41 27.03 16.26 -4.58
CA PRO C 41 28.48 16.06 -4.42
C PRO C 41 28.83 14.63 -4.02
N GLU C 42 28.07 14.11 -3.05
CA GLU C 42 28.27 12.76 -2.53
C GLU C 42 28.19 11.74 -3.66
N ILE C 43 27.10 11.78 -4.44
CA ILE C 43 26.88 10.78 -5.47
C ILE C 43 27.84 11.02 -6.64
N ALA C 44 28.20 12.28 -6.91
CA ALA C 44 29.16 12.56 -7.95
C ALA C 44 30.46 11.78 -7.70
N LEU C 45 30.98 11.84 -6.48
CA LEU C 45 32.24 11.18 -6.15
C LEU C 45 32.05 9.66 -6.20
N LYS C 46 30.93 9.17 -5.62
CA LYS C 46 30.73 7.72 -5.51
C LYS C 46 30.67 7.09 -6.90
N ALA C 47 30.13 7.83 -7.89
CA ALA C 47 29.96 7.33 -9.25
C ALA C 47 31.29 7.37 -10.01
N LEU C 48 32.07 8.43 -9.84
CA LEU C 48 33.39 8.54 -10.47
C LEU C 48 34.35 7.49 -9.88
N GLN C 49 34.24 7.29 -8.56
CA GLN C 49 34.95 6.23 -7.86
C GLN C 49 34.87 4.95 -8.68
N GLN C 50 33.66 4.60 -9.12
CA GLN C 50 33.38 3.31 -9.69
C GLN C 50 33.81 3.21 -11.16
N LEU C 51 34.17 4.33 -11.78
CA LEU C 51 34.65 4.30 -13.14
C LEU C 51 36.15 4.01 -13.15
N SER C 52 36.67 3.63 -14.32
CA SER C 52 38.10 3.41 -14.51
C SER C 52 38.76 4.76 -14.76
N ALA C 53 40.09 4.76 -14.76
CA ALA C 53 40.86 5.99 -14.85
C ALA C 53 40.57 6.70 -16.17
N THR C 54 40.45 5.92 -17.26
CA THR C 54 40.19 6.44 -18.59
C THR C 54 38.80 7.08 -18.63
N GLU C 55 37.83 6.40 -18.01
CA GLU C 55 36.45 6.86 -17.98
C GLU C 55 36.37 8.19 -17.24
N ARG C 56 37.19 8.35 -16.20
CA ARG C 56 37.16 9.53 -15.35
C ARG C 56 37.61 10.77 -16.12
N SER C 57 38.49 10.56 -17.10
CA SER C 57 39.08 11.68 -17.82
C SER C 57 38.09 12.23 -18.85
N LEU C 58 37.00 11.50 -19.12
CA LEU C 58 35.99 11.96 -20.06
C LEU C 58 34.88 12.75 -19.36
N ILE C 59 34.89 12.77 -18.02
CA ILE C 59 33.84 13.41 -17.26
C ILE C 59 34.40 14.64 -16.58
N LYS C 60 33.99 15.81 -17.07
CA LYS C 60 34.39 17.06 -16.47
C LYS C 60 33.32 17.48 -15.47
N VAL C 61 33.74 17.71 -14.23
CA VAL C 61 32.83 17.98 -13.11
C VAL C 61 32.72 19.48 -12.90
N TYR C 62 31.48 19.98 -12.90
CA TYR C 62 31.23 21.40 -12.74
C TYR C 62 30.56 21.62 -11.39
N GLY C 63 31.13 22.52 -10.58
CA GLY C 63 30.63 22.76 -9.24
C GLY C 63 31.70 23.35 -8.34
N PRO C 64 31.32 23.77 -7.11
CA PRO C 64 32.28 24.36 -6.18
C PRO C 64 33.18 23.30 -5.54
N TRP C 65 34.48 23.53 -5.64
CA TRP C 65 35.48 22.60 -5.12
C TRP C 65 35.23 22.32 -3.63
N SER C 66 34.82 23.35 -2.90
CA SER C 66 34.64 23.24 -1.46
C SER C 66 33.66 22.13 -1.11
N ALA C 67 32.63 21.93 -1.96
CA ALA C 67 31.56 20.97 -1.70
C ALA C 67 32.03 19.54 -1.98
N LEU C 68 32.92 19.40 -2.97
CA LEU C 68 33.51 18.11 -3.32
C LEU C 68 34.51 17.70 -2.25
N GLU C 69 35.21 18.68 -1.66
CA GLU C 69 36.12 18.44 -0.56
C GLU C 69 35.38 17.90 0.65
N GLN C 70 34.30 18.59 1.01
CA GLN C 70 33.39 18.21 2.09
C GLN C 70 32.93 16.76 1.95
N ALA C 71 32.42 16.42 0.77
CA ALA C 71 31.91 15.07 0.52
C ALA C 71 33.03 14.03 0.51
N ALA C 72 34.26 14.46 0.17
CA ALA C 72 35.40 13.55 0.11
C ALA C 72 35.84 13.14 1.52
N GLN C 73 35.84 14.06 2.48
CA GLN C 73 36.23 13.74 3.85
C GLN C 73 35.21 12.81 4.48
N ILE C 74 33.94 13.12 4.26
CA ILE C 74 32.83 12.38 4.85
C ILE C 74 32.83 10.93 4.38
N CYS C 75 32.81 10.74 3.04
CA CYS C 75 32.79 9.39 2.46
C CYS C 75 34.18 8.78 2.38
N GLN C 76 35.22 9.54 2.81
CA GLN C 76 36.60 9.08 2.91
C GLN C 76 37.15 8.73 1.54
N MET C 77 37.03 9.68 0.60
CA MET C 77 37.43 9.49 -0.79
C MET C 77 38.37 10.61 -1.24
N GLU C 78 39.26 11.04 -0.35
CA GLU C 78 40.20 12.11 -0.66
C GLU C 78 41.08 11.70 -1.84
N SER C 79 41.51 10.43 -1.87
CA SER C 79 42.37 9.91 -2.91
C SER C 79 41.93 10.35 -4.31
N LEU C 80 40.61 10.45 -4.53
CA LEU C 80 40.03 10.58 -5.85
C LEU C 80 40.14 12.01 -6.42
N LEU C 81 40.24 13.01 -5.53
CA LEU C 81 40.04 14.41 -5.92
C LEU C 81 41.07 14.85 -6.97
N GLN C 82 42.30 14.33 -6.86
CA GLN C 82 43.36 14.77 -7.75
C GLN C 82 43.14 14.23 -9.18
N ASP C 83 42.45 13.10 -9.28
CA ASP C 83 42.15 12.49 -10.57
C ASP C 83 41.01 13.23 -11.29
N LEU C 84 40.15 13.93 -10.53
CA LEU C 84 38.99 14.58 -11.13
C LEU C 84 39.42 15.65 -12.13
N ILE C 85 38.80 15.66 -13.31
CA ILE C 85 38.83 16.82 -14.20
C ILE C 85 37.70 17.74 -13.74
N HIS C 86 38.04 19.00 -13.42
CA HIS C 86 37.12 19.85 -12.70
C HIS C 86 37.24 21.31 -13.13
N GLU C 87 36.08 21.98 -13.23
CA GLU C 87 36.04 23.42 -13.44
C GLU C 87 35.23 24.00 -12.27
N GLU C 88 35.81 24.99 -11.60
CA GLU C 88 35.11 25.72 -10.55
C GLU C 88 33.89 26.41 -11.15
N ALA C 89 32.73 26.22 -10.51
CA ALA C 89 31.49 26.89 -10.87
C ALA C 89 30.59 26.94 -9.64
N GLY C 90 29.79 28.00 -9.51
CA GLY C 90 28.92 28.15 -8.35
C GLY C 90 29.73 28.05 -7.04
N SER C 91 30.84 28.79 -6.98
CA SER C 91 31.62 28.91 -5.75
C SER C 91 30.72 29.50 -4.67
N LEU C 92 30.99 29.11 -3.42
CA LEU C 92 30.30 29.64 -2.27
C LEU C 92 31.23 30.59 -1.53
N ALA C 93 30.67 31.51 -0.74
CA ALA C 93 31.46 32.50 -0.02
C ALA C 93 31.49 32.20 1.48
N GLN C 94 30.87 31.08 1.87
CA GLN C 94 30.82 30.64 3.27
C GLN C 94 30.88 29.12 3.32
N PRO C 95 31.13 28.48 4.48
CA PRO C 95 31.29 27.03 4.52
C PRO C 95 30.08 26.28 3.99
N VAL C 96 30.35 25.07 3.48
CA VAL C 96 29.30 24.16 3.04
C VAL C 96 28.59 23.64 4.29
N GLN C 97 27.25 23.76 4.29
CA GLN C 97 26.40 23.28 5.36
C GLN C 97 25.53 22.14 4.83
N CYS C 98 25.98 20.90 4.98
CA CYS C 98 25.22 19.76 4.48
C CYS C 98 23.81 19.75 5.09
N GLY C 99 22.79 19.49 4.27
CA GLY C 99 21.43 19.31 4.77
C GLY C 99 20.62 20.59 4.87
N GLU C 100 21.26 21.75 4.66
CA GLU C 100 20.59 23.04 4.85
C GLU C 100 20.11 23.62 3.52
N ILE C 101 18.87 24.11 3.49
CA ILE C 101 18.32 24.80 2.33
C ILE C 101 18.69 26.29 2.43
N THR C 102 19.54 26.80 1.52
CA THR C 102 19.97 28.19 1.57
C THR C 102 19.96 28.79 0.17
N PRO C 103 19.57 30.09 0.01
CA PRO C 103 19.69 30.78 -1.27
C PRO C 103 21.03 30.58 -1.99
N GLN C 104 22.11 30.53 -1.21
CA GLN C 104 23.45 30.45 -1.77
C GLN C 104 23.60 29.17 -2.59
N ALA C 105 23.16 28.05 -2.00
CA ALA C 105 23.26 26.75 -2.63
C ALA C 105 22.33 26.70 -3.84
N GLY C 106 21.23 27.43 -3.77
CA GLY C 106 20.33 27.61 -4.91
C GLY C 106 21.09 28.20 -6.10
N LEU C 107 21.86 29.26 -5.85
CA LEU C 107 22.61 29.94 -6.89
C LEU C 107 23.72 29.03 -7.42
N SER C 108 24.41 28.33 -6.50
CA SER C 108 25.49 27.43 -6.88
C SER C 108 24.99 26.44 -7.93
N THR C 109 23.84 25.82 -7.64
CA THR C 109 23.22 24.79 -8.47
C THR C 109 23.07 25.27 -9.92
N VAL C 110 22.53 26.48 -10.06
CA VAL C 110 22.17 27.05 -11.36
C VAL C 110 23.44 27.44 -12.12
N GLN C 111 24.43 27.99 -11.39
CA GLN C 111 25.68 28.39 -12.01
C GLN C 111 26.42 27.16 -12.51
N SER C 112 26.44 26.09 -11.71
CA SER C 112 27.12 24.85 -12.06
C SER C 112 26.48 24.25 -13.31
N ALA C 113 25.15 24.18 -13.30
CA ALA C 113 24.41 23.62 -14.42
C ALA C 113 24.60 24.50 -15.66
N THR C 114 24.66 25.81 -15.44
CA THR C 114 24.89 26.76 -16.51
C THR C 114 26.29 26.58 -17.09
N ALA C 115 27.29 26.35 -16.23
CA ALA C 115 28.65 26.15 -16.73
C ALA C 115 28.71 24.90 -17.58
N ALA C 116 28.02 23.85 -17.13
CA ALA C 116 28.04 22.57 -17.82
C ALA C 116 27.38 22.70 -19.19
N ILE C 117 26.29 23.46 -19.27
CA ILE C 117 25.50 23.56 -20.49
C ILE C 117 26.27 24.35 -21.56
N ARG C 118 26.98 25.39 -21.14
CA ARG C 118 27.72 26.24 -22.07
C ARG C 118 28.92 25.46 -22.60
N ALA C 119 29.42 24.51 -21.79
CA ALA C 119 30.48 23.62 -22.21
C ALA C 119 29.98 22.68 -23.30
N CYS C 120 28.72 22.26 -23.19
CA CYS C 120 28.08 21.45 -24.22
C CYS C 120 27.82 22.30 -25.47
N GLU C 121 27.25 23.50 -25.29
CA GLU C 121 26.98 24.39 -26.40
C GLU C 121 28.24 24.61 -27.25
N SER C 122 29.36 24.90 -26.58
CA SER C 122 30.59 25.29 -27.27
C SER C 122 31.32 24.08 -27.86
N GLY C 123 30.92 22.87 -27.44
CA GLY C 123 31.42 21.64 -28.05
C GLY C 123 32.51 20.95 -27.22
N GLU C 124 32.79 21.46 -26.01
CA GLU C 124 33.80 20.86 -25.16
C GLU C 124 33.35 19.47 -24.69
N VAL C 125 32.03 19.28 -24.56
CA VAL C 125 31.47 17.97 -24.22
C VAL C 125 30.25 17.72 -25.11
N ASP C 126 29.78 16.47 -25.11
CA ASP C 126 28.72 16.04 -26.01
C ASP C 126 27.36 16.00 -25.32
N ALA C 127 27.36 15.94 -23.99
CA ALA C 127 26.10 15.98 -23.25
C ALA C 127 26.39 16.35 -21.81
N VAL C 128 25.31 16.60 -21.07
CA VAL C 128 25.40 17.07 -19.69
C VAL C 128 24.50 16.22 -18.79
N ILE C 129 25.02 15.90 -17.61
CA ILE C 129 24.22 15.33 -16.55
C ILE C 129 24.22 16.28 -15.37
N ALA C 130 23.03 16.64 -14.89
CA ALA C 130 22.87 17.47 -13.70
C ALA C 130 22.44 16.62 -12.51
N CYS C 131 23.24 16.67 -11.44
CA CYS C 131 22.89 16.05 -10.17
C CYS C 131 21.76 16.85 -9.54
N PRO C 132 21.08 16.33 -8.50
CA PRO C 132 19.87 16.95 -7.96
C PRO C 132 19.99 18.38 -7.45
N HIS C 133 18.93 19.15 -7.72
CA HIS C 133 18.72 20.50 -7.24
C HIS C 133 17.70 20.50 -6.09
N HIS C 134 17.53 21.64 -5.42
CA HIS C 134 16.39 21.85 -4.54
C HIS C 134 15.58 23.06 -5.03
N GLU C 135 14.33 22.84 -5.46
CA GLU C 135 13.51 23.88 -6.08
C GLU C 135 13.43 25.09 -5.15
N THR C 136 13.18 24.84 -3.86
CA THR C 136 13.00 25.90 -2.88
C THR C 136 14.26 26.75 -2.78
N ALA C 137 15.43 26.10 -2.72
CA ALA C 137 16.71 26.79 -2.62
C ALA C 137 16.89 27.75 -3.79
N ILE C 138 16.53 27.28 -5.00
CA ILE C 138 16.72 28.07 -6.20
C ILE C 138 15.74 29.24 -6.20
N HIS C 139 14.51 28.99 -5.74
CA HIS C 139 13.50 30.02 -5.68
C HIS C 139 13.92 31.08 -4.66
N ARG C 140 14.51 30.64 -3.54
CA ARG C 140 14.90 31.57 -2.49
C ARG C 140 16.05 32.46 -2.93
N ALA C 141 16.74 32.11 -4.00
CA ALA C 141 17.76 32.99 -4.55
C ALA C 141 17.13 34.04 -5.49
N GLY C 142 15.83 33.89 -5.76
CA GLY C 142 15.12 34.79 -6.67
C GLY C 142 15.30 34.37 -8.13
N ILE C 143 15.40 33.07 -8.37
CA ILE C 143 15.66 32.55 -9.70
C ILE C 143 14.45 31.74 -10.17
N ALA C 144 13.94 32.15 -11.34
CA ALA C 144 12.89 31.44 -12.06
C ALA C 144 13.38 30.06 -12.45
N PHE C 145 12.62 29.03 -12.06
CA PHE C 145 12.98 27.67 -12.40
C PHE C 145 11.74 26.79 -12.44
N SER C 146 11.38 26.34 -13.65
CA SER C 146 10.24 25.45 -13.83
C SER C 146 10.70 24.07 -14.30
N GLY C 147 12.00 23.78 -14.17
CA GLY C 147 12.57 22.55 -14.69
C GLY C 147 13.69 22.84 -15.69
N TYR C 148 14.40 21.76 -16.05
CA TYR C 148 15.59 21.86 -16.90
C TYR C 148 15.21 22.30 -18.31
N PRO C 149 14.09 21.83 -18.93
CA PRO C 149 13.64 22.40 -20.20
C PRO C 149 13.70 23.93 -20.20
N SER C 150 13.14 24.56 -19.15
CA SER C 150 13.15 26.01 -19.03
C SER C 150 14.58 26.56 -18.91
N LEU C 151 15.34 26.04 -17.95
CA LEU C 151 16.69 26.53 -17.68
C LEU C 151 17.53 26.49 -18.96
N LEU C 152 17.43 25.37 -19.66
CA LEU C 152 18.26 25.13 -20.83
C LEU C 152 17.90 26.14 -21.91
N ALA C 153 16.61 26.38 -22.10
CA ALA C 153 16.13 27.38 -23.05
C ALA C 153 16.72 28.75 -22.72
N ASN C 154 16.49 29.17 -21.47
CA ASN C 154 16.99 30.43 -20.95
C ASN C 154 18.47 30.57 -21.29
N VAL C 155 19.29 29.58 -20.93
CA VAL C 155 20.73 29.66 -21.04
C VAL C 155 21.17 29.77 -22.51
N LEU C 156 20.40 29.15 -23.42
CA LEU C 156 20.78 29.06 -24.82
C LEU C 156 20.11 30.15 -25.67
N GLY C 157 19.20 30.92 -25.06
CA GLY C 157 18.59 32.06 -25.73
C GLY C 157 17.43 31.66 -26.64
N MET C 158 16.80 30.52 -26.33
CA MET C 158 15.73 29.96 -27.14
C MET C 158 14.40 30.14 -26.42
N ASN C 159 13.31 29.99 -27.18
CA ASN C 159 11.96 29.98 -26.63
C ASN C 159 11.77 28.63 -25.96
N GLU C 160 10.90 28.58 -24.94
CA GLU C 160 10.78 27.39 -24.10
C GLU C 160 10.20 26.22 -24.91
N ASP C 161 9.51 26.51 -26.02
CA ASP C 161 8.83 25.51 -26.83
C ASP C 161 9.74 24.98 -27.95
N GLU C 162 11.01 25.46 -28.00
CA GLU C 162 12.01 24.94 -28.92
C GLU C 162 12.94 23.93 -28.23
N VAL C 163 12.74 23.77 -26.92
CA VAL C 163 13.37 22.72 -26.16
C VAL C 163 12.29 21.68 -25.87
N PHE C 164 12.61 20.41 -26.12
CA PHE C 164 11.63 19.36 -25.93
C PHE C 164 12.14 18.44 -24.84
N LEU C 165 11.20 17.72 -24.20
CA LEU C 165 11.54 16.70 -23.22
C LEU C 165 11.40 15.31 -23.84
N MET C 166 12.47 14.54 -23.81
CA MET C 166 12.41 13.12 -24.12
C MET C 166 12.53 12.32 -22.83
N LEU C 167 11.54 11.46 -22.55
CA LEU C 167 11.65 10.47 -21.48
C LEU C 167 12.24 9.18 -22.05
N VAL C 168 13.09 8.52 -21.25
CA VAL C 168 13.71 7.28 -21.68
C VAL C 168 13.63 6.30 -20.51
N GLY C 169 13.00 5.15 -20.76
CA GLY C 169 12.87 4.13 -19.75
C GLY C 169 12.35 2.84 -20.36
N ALA C 170 12.91 1.71 -19.91
CA ALA C 170 12.50 0.38 -20.34
C ALA C 170 12.58 0.27 -21.86
N GLY C 171 13.62 0.86 -22.47
CA GLY C 171 13.86 0.74 -23.90
C GLY C 171 12.96 1.66 -24.74
N LEU C 172 12.05 2.40 -24.09
CA LEU C 172 11.19 3.36 -24.78
C LEU C 172 11.86 4.73 -24.81
N ARG C 173 11.77 5.39 -25.97
CA ARG C 173 12.12 6.79 -26.05
C ARG C 173 10.93 7.56 -26.61
N ILE C 174 10.45 8.53 -25.83
CA ILE C 174 9.28 9.30 -26.24
C ILE C 174 9.57 10.80 -26.08
N VAL C 175 9.73 11.48 -27.19
CA VAL C 175 9.78 12.93 -27.21
C VAL C 175 8.35 13.47 -27.17
N HIS C 176 8.20 14.68 -26.64
CA HIS C 176 6.89 15.30 -26.48
C HIS C 176 6.88 16.65 -27.19
N VAL C 177 5.90 16.86 -28.07
CA VAL C 177 5.81 18.11 -28.82
C VAL C 177 5.29 19.22 -27.92
N THR C 178 4.37 18.87 -27.01
CA THR C 178 3.94 19.78 -25.95
C THR C 178 4.16 19.05 -24.63
N LEU C 179 4.10 19.81 -23.53
CA LEU C 179 4.51 19.28 -22.24
C LEU C 179 3.61 19.86 -21.15
N HIS C 180 4.14 20.77 -20.32
CA HIS C 180 3.46 21.13 -19.07
C HIS C 180 2.49 22.27 -19.34
N GLU C 181 1.37 21.95 -20.00
CA GLU C 181 0.32 22.93 -20.28
C GLU C 181 -1.00 22.19 -20.41
N SER C 182 -2.09 22.96 -20.36
CA SER C 182 -3.43 22.42 -20.49
C SER C 182 -3.57 21.69 -21.83
N VAL C 183 -4.46 20.72 -21.90
CA VAL C 183 -4.67 19.95 -23.13
C VAL C 183 -5.11 20.91 -24.24
N ARG C 184 -6.02 21.84 -23.92
CA ARG C 184 -6.54 22.75 -24.92
C ARG C 184 -5.42 23.70 -25.36
N SER C 185 -4.60 24.19 -24.42
CA SER C 185 -3.47 25.06 -24.74
C SER C 185 -2.49 24.34 -25.69
N ALA C 186 -2.32 23.03 -25.48
CA ALA C 186 -1.48 22.21 -26.33
C ALA C 186 -2.06 22.12 -27.74
N LEU C 187 -3.37 21.92 -27.86
CA LEU C 187 -3.99 21.78 -29.16
C LEU C 187 -3.85 23.07 -29.98
N GLU C 188 -3.89 24.22 -29.29
CA GLU C 188 -3.79 25.54 -29.90
C GLU C 188 -2.36 25.81 -30.39
N ARG C 189 -1.36 25.22 -29.72
CA ARG C 189 0.04 25.44 -30.04
C ARG C 189 0.48 24.50 -31.17
N LEU C 190 -0.17 23.34 -31.31
CA LEU C 190 0.31 22.31 -32.21
C LEU C 190 0.30 22.85 -33.64
N SER C 191 1.43 22.65 -34.33
CA SER C 191 1.50 22.94 -35.75
C SER C 191 2.41 21.92 -36.42
N PRO C 192 2.36 21.81 -37.77
CA PRO C 192 3.26 20.94 -38.50
C PRO C 192 4.73 21.20 -38.14
N GLN C 193 5.07 22.50 -38.07
CA GLN C 193 6.43 22.92 -37.80
C GLN C 193 6.89 22.43 -36.43
N LEU C 194 6.02 22.56 -35.42
CA LEU C 194 6.42 22.25 -34.05
C LEU C 194 6.70 20.76 -33.93
N VAL C 195 5.95 19.95 -34.67
CA VAL C 195 6.18 18.51 -34.69
C VAL C 195 7.52 18.23 -35.34
N ILE C 196 7.78 18.89 -36.47
CA ILE C 196 9.02 18.67 -37.19
C ILE C 196 10.20 18.97 -36.28
N ASN C 197 10.14 20.10 -35.57
CA ASN C 197 11.22 20.52 -34.69
C ASN C 197 11.49 19.47 -33.61
N ALA C 198 10.41 18.90 -33.03
CA ALA C 198 10.54 17.91 -31.97
C ALA C 198 11.31 16.69 -32.47
N VAL C 199 10.95 16.22 -33.66
CA VAL C 199 11.51 15.01 -34.23
C VAL C 199 12.98 15.24 -34.59
N ASP C 200 13.28 16.39 -35.21
CA ASP C 200 14.65 16.77 -35.52
C ASP C 200 15.51 16.73 -34.26
N ALA C 201 14.99 17.37 -33.19
CA ALA C 201 15.70 17.44 -31.92
C ALA C 201 15.92 16.03 -31.38
N ALA C 202 14.92 15.16 -31.56
CA ALA C 202 14.91 13.83 -30.97
C ALA C 202 15.73 12.83 -31.78
N VAL C 203 15.83 13.04 -33.10
CA VAL C 203 16.67 12.21 -33.95
C VAL C 203 18.14 12.53 -33.67
N GLN C 204 18.49 13.82 -33.56
CA GLN C 204 19.81 14.24 -33.10
C GLN C 204 20.14 13.50 -31.79
N THR C 205 19.23 13.61 -30.81
CA THR C 205 19.38 12.99 -29.50
C THR C 205 19.55 11.48 -29.64
N CYS C 206 18.91 10.88 -30.65
CA CYS C 206 18.98 9.44 -30.85
C CYS C 206 20.38 9.01 -31.29
N THR C 207 21.08 9.84 -32.07
CA THR C 207 22.44 9.55 -32.49
C THR C 207 23.32 9.43 -31.25
N LEU C 208 23.17 10.37 -30.32
CA LEU C 208 23.96 10.42 -29.10
C LEU C 208 23.66 9.19 -28.23
N LEU C 209 22.40 8.75 -28.24
CA LEU C 209 22.01 7.62 -27.42
C LEU C 209 22.50 6.31 -28.04
N GLY C 210 22.87 6.35 -29.31
CA GLY C 210 23.52 5.24 -29.98
C GLY C 210 22.69 4.64 -31.11
N VAL C 211 21.67 5.37 -31.60
CA VAL C 211 20.81 4.89 -32.67
C VAL C 211 20.86 5.89 -33.84
N PRO C 212 21.83 5.73 -34.78
CA PRO C 212 22.04 6.73 -35.83
C PRO C 212 20.86 6.91 -36.79
N LYS C 213 20.20 5.80 -37.18
CA LYS C 213 19.17 5.85 -38.20
C LYS C 213 17.88 5.31 -37.60
N PRO C 214 17.20 6.08 -36.72
CA PRO C 214 16.04 5.56 -35.99
C PRO C 214 14.76 5.35 -36.79
N GLN C 215 13.99 4.35 -36.36
CA GLN C 215 12.62 4.14 -36.78
C GLN C 215 11.72 4.96 -35.86
N VAL C 216 10.88 5.82 -36.46
CA VAL C 216 10.13 6.83 -35.74
C VAL C 216 8.64 6.55 -35.86
N ALA C 217 7.90 6.70 -34.75
CA ALA C 217 6.45 6.58 -34.76
C ALA C 217 5.83 7.85 -34.19
N VAL C 218 4.85 8.38 -34.91
CA VAL C 218 4.22 9.64 -34.51
C VAL C 218 2.80 9.35 -34.05
N PHE C 219 2.49 9.69 -32.79
CA PHE C 219 1.17 9.50 -32.23
C PHE C 219 0.19 10.46 -32.89
N GLY C 220 -1.07 10.02 -33.00
CA GLY C 220 -2.15 10.90 -33.40
C GLY C 220 -2.59 11.80 -32.24
N ILE C 221 -3.04 13.01 -32.58
CA ILE C 221 -3.66 13.90 -31.61
C ILE C 221 -4.99 13.29 -31.18
N ASN C 222 -5.75 12.80 -32.15
CA ASN C 222 -7.06 12.23 -31.87
C ASN C 222 -6.95 10.71 -31.81
N PRO C 223 -7.87 10.04 -31.09
CA PRO C 223 -7.84 8.58 -30.97
C PRO C 223 -7.73 7.91 -32.34
N HIS C 224 -6.83 6.91 -32.42
CA HIS C 224 -6.63 6.11 -33.61
C HIS C 224 -6.20 7.00 -34.79
N ALA C 225 -5.61 8.15 -34.48
CA ALA C 225 -5.23 9.18 -35.44
C ALA C 225 -6.36 9.49 -36.45
N LEU C 230 -11.94 10.92 -39.50
CA LEU C 230 -13.21 10.44 -38.89
C LEU C 230 -13.35 11.05 -37.48
N PHE C 231 -12.27 10.97 -36.68
CA PHE C 231 -12.26 11.55 -35.35
C PHE C 231 -11.37 12.78 -35.34
N GLY C 232 -11.84 13.84 -36.01
CA GLY C 232 -11.26 15.17 -35.89
C GLY C 232 -10.36 15.51 -37.09
N LEU C 233 -10.19 16.82 -37.31
CA LEU C 233 -9.44 17.36 -38.43
C LEU C 233 -8.02 17.73 -38.02
N GLU C 234 -7.69 17.63 -36.73
CA GLU C 234 -6.41 18.07 -36.22
C GLU C 234 -5.28 17.20 -36.80
N ASP C 235 -5.55 15.91 -37.03
CA ASP C 235 -4.51 15.04 -37.52
C ASP C 235 -4.20 15.33 -39.00
N SER C 236 -5.19 15.78 -39.76
CA SER C 236 -5.00 16.06 -41.17
C SER C 236 -4.31 17.41 -41.36
N GLN C 237 -4.41 18.28 -40.35
CA GLN C 237 -3.82 19.61 -40.39
C GLN C 237 -2.37 19.61 -39.91
N ILE C 238 -2.05 18.70 -38.98
CA ILE C 238 -0.87 18.83 -38.16
C ILE C 238 0.09 17.63 -38.35
N THR C 239 -0.38 16.41 -38.06
CA THR C 239 0.51 15.26 -37.98
C THR C 239 0.72 14.66 -39.37
N VAL C 240 -0.32 14.67 -40.23
CA VAL C 240 -0.20 14.08 -41.54
C VAL C 240 0.79 14.90 -42.38
N PRO C 241 0.64 16.24 -42.49
CA PRO C 241 1.63 17.06 -43.21
C PRO C 241 3.04 16.93 -42.67
N ALA C 242 3.18 16.81 -41.35
CA ALA C 242 4.49 16.76 -40.71
C ALA C 242 5.23 15.49 -41.09
N VAL C 243 4.51 14.35 -41.13
CA VAL C 243 5.09 13.05 -41.43
C VAL C 243 5.58 13.00 -42.88
N GLU C 244 4.86 13.70 -43.78
CA GLU C 244 5.20 13.69 -45.19
C GLU C 244 6.45 14.53 -45.45
N THR C 245 6.63 15.61 -44.71
CA THR C 245 7.81 16.45 -44.82
C THR C 245 9.05 15.70 -44.32
N LEU C 246 8.88 14.94 -43.22
CA LEU C 246 9.99 14.25 -42.57
C LEU C 246 10.48 13.06 -43.40
N ARG C 247 9.57 12.42 -44.14
CA ARG C 247 9.94 11.38 -45.09
C ARG C 247 10.73 11.98 -46.25
N LYS C 248 10.28 13.13 -46.78
CA LYS C 248 10.91 13.75 -47.95
C LYS C 248 12.37 14.15 -47.65
N ARG C 249 12.72 14.37 -46.38
CA ARG C 249 14.11 14.61 -46.01
C ARG C 249 14.85 13.28 -45.76
N GLY C 250 14.12 12.17 -45.78
CA GLY C 250 14.70 10.83 -45.87
C GLY C 250 14.73 10.10 -44.54
N LEU C 251 13.74 10.38 -43.67
CA LEU C 251 13.65 9.71 -42.40
C LEU C 251 12.60 8.59 -42.50
N THR C 252 12.82 7.54 -41.69
CA THR C 252 11.88 6.43 -41.56
C THR C 252 10.83 6.79 -40.52
N VAL C 253 9.61 7.09 -40.97
CA VAL C 253 8.56 7.68 -40.12
C VAL C 253 7.20 7.07 -40.47
N ASP C 254 6.60 6.37 -39.50
CA ASP C 254 5.27 5.81 -39.67
C ASP C 254 4.28 6.66 -38.87
N GLY C 255 3.11 6.92 -39.47
CA GLY C 255 2.06 7.61 -38.73
C GLY C 255 1.39 8.74 -39.50
N PRO C 256 0.49 9.52 -38.85
CA PRO C 256 0.13 9.28 -37.45
C PRO C 256 -0.63 7.98 -37.22
N MET C 257 -0.37 7.35 -36.07
CA MET C 257 -1.07 6.16 -35.66
C MET C 257 -1.59 6.36 -34.23
N GLY C 258 -2.53 5.50 -33.82
CA GLY C 258 -3.06 5.57 -32.47
C GLY C 258 -2.01 5.17 -31.45
N ALA C 259 -1.81 5.98 -30.40
CA ALA C 259 -0.66 5.84 -29.51
C ALA C 259 -0.65 4.45 -28.86
N ASP C 260 -1.84 4.02 -28.43
CA ASP C 260 -2.02 2.72 -27.81
C ASP C 260 -1.50 1.61 -28.72
N MET C 261 -1.92 1.64 -29.99
CA MET C 261 -1.68 0.55 -30.93
C MET C 261 -0.19 0.48 -31.25
N VAL C 262 0.47 1.63 -31.45
CA VAL C 262 1.86 1.68 -31.90
C VAL C 262 2.77 1.19 -30.79
N LEU C 263 2.65 1.78 -29.60
CA LEU C 263 3.50 1.43 -28.48
C LEU C 263 3.52 -0.08 -28.29
N ALA C 264 2.35 -0.71 -28.46
CA ALA C 264 2.20 -2.13 -28.21
C ALA C 264 3.09 -2.97 -29.14
N GLN C 265 3.25 -2.52 -30.39
CA GLN C 265 4.02 -3.25 -31.40
C GLN C 265 5.50 -3.28 -31.00
N ARG C 266 5.97 -2.22 -30.32
CA ARG C 266 7.35 -2.13 -29.83
C ARG C 266 8.31 -2.33 -31.00
N LYS C 267 8.15 -1.53 -32.07
CA LYS C 267 8.91 -1.71 -33.30
C LYS C 267 9.75 -0.47 -33.64
N HIS C 268 9.75 0.54 -32.76
CA HIS C 268 10.33 1.83 -33.09
C HIS C 268 11.33 2.23 -32.03
N ASP C 269 12.30 3.08 -32.42
CA ASP C 269 13.34 3.56 -31.54
C ASP C 269 12.95 4.90 -30.91
N LEU C 270 11.90 5.52 -31.44
CA LEU C 270 11.47 6.84 -31.00
C LEU C 270 9.98 7.00 -31.26
N TYR C 271 9.25 7.35 -30.20
CA TYR C 271 7.83 7.64 -30.33
C TYR C 271 7.64 9.12 -30.08
N VAL C 272 6.69 9.72 -30.79
CA VAL C 272 6.50 11.17 -30.77
C VAL C 272 5.10 11.47 -30.25
N ALA C 273 5.05 11.87 -28.98
CA ALA C 273 3.80 12.08 -28.29
C ALA C 273 3.37 13.52 -28.52
N MET C 274 2.04 13.70 -28.65
CA MET C 274 1.46 15.01 -28.86
C MET C 274 1.16 15.68 -27.52
N LEU C 275 0.77 14.90 -26.51
CA LEU C 275 0.48 15.45 -25.20
C LEU C 275 1.37 14.80 -24.15
N HIS C 276 1.50 15.49 -23.02
CA HIS C 276 2.27 15.03 -21.87
C HIS C 276 1.89 13.58 -21.55
N ASP C 277 0.61 13.35 -21.24
CA ASP C 277 0.15 12.09 -20.70
C ASP C 277 0.36 10.96 -21.70
N GLN C 278 0.32 11.25 -23.00
CA GLN C 278 0.48 10.18 -23.98
C GLN C 278 1.85 9.54 -23.85
N GLY C 279 2.84 10.30 -23.38
CA GLY C 279 4.21 9.83 -23.29
C GLY C 279 4.64 9.47 -21.87
N HIS C 280 3.97 10.03 -20.84
CA HIS C 280 4.39 9.87 -19.46
C HIS C 280 3.74 8.66 -18.82
N ILE C 281 2.55 8.26 -19.30
CA ILE C 281 1.90 7.08 -18.76
C ILE C 281 2.73 5.85 -19.09
N PRO C 282 3.05 5.58 -20.37
CA PRO C 282 3.81 4.39 -20.71
C PRO C 282 5.09 4.29 -19.90
N ILE C 283 5.78 5.42 -19.74
CA ILE C 283 7.12 5.48 -19.18
C ILE C 283 7.08 5.18 -17.68
N LYS C 284 6.18 5.83 -16.95
CA LYS C 284 6.18 5.73 -15.49
C LYS C 284 5.54 4.42 -15.04
N LEU C 285 4.79 3.79 -15.94
CA LEU C 285 4.17 2.50 -15.65
C LEU C 285 5.20 1.38 -15.79
N LEU C 286 6.04 1.45 -16.83
CA LEU C 286 6.97 0.39 -17.17
C LEU C 286 8.32 0.59 -16.49
N ALA C 287 8.70 1.85 -16.21
CA ALA C 287 9.98 2.11 -15.59
C ALA C 287 9.81 3.04 -14.39
N PRO C 288 9.13 2.59 -13.32
CA PRO C 288 8.78 3.44 -12.18
C PRO C 288 9.93 4.13 -11.46
N ASN C 289 11.12 3.55 -11.52
CA ASN C 289 12.27 4.19 -10.93
C ASN C 289 13.50 4.04 -11.79
N GLY C 290 13.35 3.72 -13.07
CA GLY C 290 14.49 3.55 -13.96
C GLY C 290 14.39 4.42 -15.20
N ALA C 291 13.85 5.65 -15.04
CA ALA C 291 13.55 6.51 -16.17
C ALA C 291 14.40 7.78 -16.13
N SER C 292 14.87 8.19 -17.32
CA SER C 292 15.66 9.40 -17.47
C SER C 292 14.80 10.47 -18.14
N ALA C 293 15.01 11.74 -17.76
CA ALA C 293 14.37 12.87 -18.41
C ALA C 293 15.43 13.68 -19.17
N LEU C 294 15.37 13.66 -20.51
CA LEU C 294 16.32 14.36 -21.35
C LEU C 294 15.69 15.65 -21.91
N SER C 295 16.30 16.78 -21.55
CA SER C 295 15.94 18.07 -22.11
C SER C 295 16.88 18.34 -23.28
N ILE C 296 16.31 18.65 -24.45
CA ILE C 296 17.08 18.65 -25.68
C ILE C 296 16.88 19.97 -26.42
N GLY C 297 18.01 20.62 -26.71
CA GLY C 297 18.02 21.86 -27.48
C GLY C 297 19.41 22.17 -28.00
N GLY C 298 19.51 22.33 -29.32
CA GLY C 298 20.74 22.77 -29.97
C GLY C 298 21.95 21.88 -29.74
N ARG C 299 21.78 20.55 -29.76
CA ARG C 299 22.88 19.60 -29.57
C ARG C 299 23.20 19.40 -28.09
N VAL C 300 22.61 20.22 -27.23
CA VAL C 300 22.68 20.02 -25.79
C VAL C 300 21.61 19.02 -25.37
N VAL C 301 22.08 17.87 -24.90
CA VAL C 301 21.22 16.93 -24.23
C VAL C 301 21.57 16.99 -22.74
N LEU C 302 20.59 17.42 -21.94
CA LEU C 302 20.75 17.51 -20.50
C LEU C 302 19.83 16.49 -19.85
N SER C 303 20.40 15.65 -18.97
CA SER C 303 19.59 14.71 -18.21
C SER C 303 19.72 14.99 -16.72
N SER C 304 18.60 14.89 -16.01
CA SER C 304 18.64 14.82 -14.56
C SER C 304 18.87 13.35 -14.19
N VAL C 305 19.36 13.16 -12.97
CA VAL C 305 19.18 11.93 -12.23
C VAL C 305 17.73 11.97 -11.75
N GLY C 306 17.09 10.84 -11.52
CA GLY C 306 15.64 10.87 -11.37
C GLY C 306 15.19 10.95 -9.92
N HIS C 307 15.80 11.84 -9.12
CA HIS C 307 15.50 11.89 -7.69
C HIS C 307 15.87 13.25 -7.10
N GLY C 308 15.47 13.48 -5.84
CA GLY C 308 15.69 14.74 -5.15
C GLY C 308 17.08 14.81 -4.53
N SER C 309 17.33 15.90 -3.79
CA SER C 309 18.62 16.19 -3.21
C SER C 309 18.75 15.55 -1.82
N ALA C 310 17.65 15.09 -1.23
CA ALA C 310 17.67 14.28 -0.02
C ALA C 310 18.42 14.96 1.13
N MET C 311 17.94 16.13 1.56
CA MET C 311 18.66 16.94 2.52
C MET C 311 18.76 16.28 3.91
N ASP C 312 17.91 15.31 4.23
CA ASP C 312 17.92 14.64 5.52
C ASP C 312 19.07 13.64 5.68
N ILE C 313 19.65 13.17 4.56
CA ILE C 313 20.77 12.24 4.62
C ILE C 313 22.03 12.90 4.09
N ALA C 314 21.93 14.15 3.63
CA ALA C 314 23.08 14.88 3.15
C ALA C 314 24.12 14.92 4.25
N GLY C 315 25.33 14.48 3.93
CA GLY C 315 26.43 14.52 4.86
C GLY C 315 26.52 13.25 5.71
N ARG C 316 25.61 12.29 5.51
CA ARG C 316 25.57 11.09 6.36
C ARG C 316 26.24 9.90 5.68
N GLY C 317 26.67 10.05 4.43
CA GLY C 317 27.47 9.05 3.75
C GLY C 317 26.68 7.81 3.37
N VAL C 318 25.37 7.95 3.13
CA VAL C 318 24.48 6.82 2.92
C VAL C 318 23.78 6.94 1.57
N ALA C 319 24.23 7.84 0.68
CA ALA C 319 23.56 8.08 -0.58
C ALA C 319 24.12 7.17 -1.67
N ASP C 320 23.22 6.67 -2.52
CA ASP C 320 23.53 5.68 -3.54
C ASP C 320 23.63 6.40 -4.89
N ALA C 321 24.60 6.02 -5.72
CA ALA C 321 24.86 6.71 -6.98
C ALA C 321 24.32 5.93 -8.18
N THR C 322 23.51 4.88 -7.93
CA THR C 322 23.05 3.98 -8.96
C THR C 322 22.27 4.75 -10.03
N ALA C 323 21.47 5.73 -9.60
CA ALA C 323 20.68 6.52 -10.54
C ALA C 323 21.61 7.36 -11.41
N LEU C 324 22.67 7.91 -10.80
CA LEU C 324 23.62 8.71 -11.56
C LEU C 324 24.36 7.84 -12.56
N LEU C 325 24.74 6.62 -12.14
CA LEU C 325 25.49 5.70 -12.98
C LEU C 325 24.62 5.24 -14.15
N ARG C 326 23.34 4.97 -13.88
CA ARG C 326 22.38 4.62 -14.91
C ARG C 326 22.29 5.73 -15.96
N THR C 327 22.35 7.00 -15.51
CA THR C 327 22.21 8.14 -16.39
C THR C 327 23.45 8.28 -17.28
N ILE C 328 24.63 8.03 -16.67
CA ILE C 328 25.90 8.12 -17.35
C ILE C 328 25.96 7.02 -18.41
N ALA C 329 25.52 5.80 -18.06
CA ALA C 329 25.51 4.70 -19.02
C ALA C 329 24.62 5.04 -20.22
N LEU C 330 23.55 5.79 -19.97
CA LEU C 330 22.57 6.13 -20.99
C LEU C 330 23.12 7.15 -21.99
N LEU C 331 23.73 8.23 -21.45
CA LEU C 331 24.28 9.30 -22.27
C LEU C 331 25.69 8.97 -22.76
N GLY C 332 26.31 7.89 -22.24
CA GLY C 332 27.64 7.49 -22.69
C GLY C 332 27.65 6.23 -23.56
N ALA C 333 27.92 6.38 -24.87
CA ALA C 333 27.73 5.31 -25.85
C ALA C 333 28.38 5.63 -27.20
N MET D 22 32.18 -11.72 7.42
CA MET D 22 32.34 -11.18 8.80
C MET D 22 30.97 -10.92 9.43
N THR D 23 30.89 -11.27 10.72
CA THR D 23 29.67 -11.35 11.49
C THR D 23 29.58 -10.13 12.39
N ILE D 24 28.48 -9.37 12.32
CA ILE D 24 28.35 -8.17 13.13
C ILE D 24 27.26 -8.31 14.20
N VAL D 25 26.35 -9.28 14.07
CA VAL D 25 25.23 -9.44 15.00
C VAL D 25 25.48 -10.64 15.90
N HIS D 26 25.67 -10.39 17.20
CA HIS D 26 26.06 -11.44 18.13
C HIS D 26 25.02 -11.60 19.24
N ARG D 27 23.86 -10.96 19.10
CA ARG D 27 22.79 -11.09 20.09
C ARG D 27 21.46 -10.66 19.50
N ARG D 28 20.37 -10.91 20.25
CA ARG D 28 19.03 -10.65 19.79
C ARG D 28 18.74 -9.14 19.84
N LEU D 29 18.09 -8.64 18.78
CA LEU D 29 17.83 -7.23 18.60
C LEU D 29 16.43 -7.02 18.03
N ALA D 30 15.84 -5.88 18.39
CA ALA D 30 14.61 -5.42 17.78
C ALA D 30 14.93 -4.27 16.82
N LEU D 31 14.31 -4.28 15.65
CA LEU D 31 14.47 -3.23 14.68
C LEU D 31 13.11 -2.66 14.32
N ALA D 32 12.73 -1.56 14.98
CA ALA D 32 11.54 -0.82 14.58
C ALA D 32 11.87 -0.04 13.30
N ILE D 33 10.96 -0.10 12.33
CA ILE D 33 11.30 0.34 10.99
C ILE D 33 11.03 1.83 10.80
N GLY D 34 10.60 2.53 11.86
CA GLY D 34 10.43 3.96 11.79
C GLY D 34 9.21 4.34 10.95
N ASP D 35 9.24 5.55 10.40
CA ASP D 35 8.14 6.05 9.60
C ASP D 35 7.99 5.19 8.36
N PRO D 36 6.81 4.55 8.16
CA PRO D 36 6.59 3.65 7.02
C PRO D 36 6.50 4.30 5.65
N HIS D 37 6.45 5.63 5.62
CA HIS D 37 6.45 6.39 4.38
C HIS D 37 7.86 6.87 4.06
N GLY D 38 8.77 6.75 5.03
CA GLY D 38 10.14 7.20 4.84
C GLY D 38 11.02 6.07 4.28
N ILE D 39 12.33 6.22 4.45
CA ILE D 39 13.31 5.29 3.88
C ILE D 39 13.60 4.16 4.85
N GLY D 40 12.93 4.18 6.01
CA GLY D 40 13.18 3.25 7.11
C GLY D 40 12.94 1.82 6.65
N PRO D 41 11.74 1.48 6.14
CA PRO D 41 11.48 0.14 5.59
C PRO D 41 12.52 -0.31 4.57
N GLU D 42 12.86 0.61 3.68
CA GLU D 42 13.81 0.39 2.59
C GLU D 42 15.17 -0.01 3.17
N ILE D 43 15.67 0.78 4.12
CA ILE D 43 17.00 0.52 4.66
C ILE D 43 16.97 -0.69 5.60
N ALA D 44 15.84 -0.94 6.25
CA ALA D 44 15.70 -2.14 7.07
C ALA D 44 15.97 -3.39 6.24
N LEU D 45 15.37 -3.48 5.05
CA LEU D 45 15.55 -4.63 4.16
C LEU D 45 16.99 -4.69 3.65
N LYS D 46 17.53 -3.53 3.24
CA LYS D 46 18.85 -3.49 2.63
C LYS D 46 19.91 -3.99 3.63
N ALA D 47 19.70 -3.70 4.92
CA ALA D 47 20.65 -4.08 5.97
C ALA D 47 20.55 -5.57 6.30
N LEU D 48 19.32 -6.09 6.37
CA LEU D 48 19.09 -7.50 6.64
C LEU D 48 19.56 -8.36 5.46
N GLN D 49 19.34 -7.86 4.24
CA GLN D 49 19.88 -8.42 3.00
C GLN D 49 21.32 -8.84 3.23
N GLN D 50 22.10 -7.92 3.78
CA GLN D 50 23.55 -8.08 3.83
C GLN D 50 24.00 -8.98 4.98
N LEU D 51 23.10 -9.32 5.89
CA LEU D 51 23.43 -10.24 6.96
C LEU D 51 23.28 -11.69 6.48
N SER D 52 23.92 -12.60 7.23
CA SER D 52 23.80 -14.02 6.97
C SER D 52 22.50 -14.54 7.58
N ALA D 53 22.16 -15.78 7.26
CA ALA D 53 20.89 -16.36 7.66
C ALA D 53 20.77 -16.40 9.18
N THR D 54 21.88 -16.75 9.86
CA THR D 54 21.90 -16.89 11.30
C THR D 54 21.74 -15.51 11.94
N GLU D 55 22.40 -14.50 11.35
CA GLU D 55 22.33 -13.14 11.85
C GLU D 55 20.90 -12.63 11.77
N ARG D 56 20.18 -13.01 10.71
CA ARG D 56 18.85 -12.51 10.44
C ARG D 56 17.86 -13.02 11.49
N SER D 57 18.13 -14.20 12.05
CA SER D 57 17.20 -14.82 12.97
C SER D 57 17.29 -14.17 14.35
N LEU D 58 18.33 -13.35 14.56
CA LEU D 58 18.47 -12.62 15.82
C LEU D 58 17.80 -11.25 15.77
N ILE D 59 17.33 -10.82 14.60
CA ILE D 59 16.75 -9.50 14.46
C ILE D 59 15.25 -9.62 14.20
N LYS D 60 14.47 -9.25 15.22
CA LYS D 60 13.02 -9.21 15.09
C LYS D 60 12.62 -7.80 14.63
N VAL D 61 11.88 -7.74 13.52
CA VAL D 61 11.53 -6.49 12.87
C VAL D 61 10.13 -6.06 13.29
N TYR D 62 10.00 -4.84 13.80
CA TYR D 62 8.73 -4.34 14.29
C TYR D 62 8.25 -3.23 13.37
N GLY D 63 7.00 -3.35 12.91
CA GLY D 63 6.47 -2.41 11.93
C GLY D 63 5.34 -3.02 11.11
N PRO D 64 4.64 -2.20 10.28
CA PRO D 64 3.56 -2.70 9.44
C PRO D 64 4.07 -3.52 8.27
N TRP D 65 3.54 -4.73 8.13
CA TRP D 65 3.96 -5.64 7.08
C TRP D 65 3.79 -4.98 5.71
N SER D 66 2.70 -4.21 5.57
CA SER D 66 2.37 -3.60 4.29
C SER D 66 3.51 -2.71 3.78
N ALA D 67 4.25 -2.05 4.70
CA ALA D 67 5.31 -1.14 4.35
C ALA D 67 6.57 -1.88 3.91
N LEU D 68 6.79 -3.05 4.50
CA LEU D 68 7.93 -3.88 4.14
C LEU D 68 7.67 -4.55 2.79
N GLU D 69 6.39 -4.87 2.51
CA GLU D 69 5.99 -5.41 1.21
C GLU D 69 6.26 -4.38 0.11
N GLN D 70 5.80 -3.15 0.33
CA GLN D 70 6.01 -2.00 -0.55
C GLN D 70 7.50 -1.84 -0.91
N ALA D 71 8.35 -1.79 0.12
CA ALA D 71 9.78 -1.58 -0.07
C ALA D 71 10.42 -2.80 -0.74
N ALA D 72 9.83 -3.99 -0.58
CA ALA D 72 10.38 -5.20 -1.16
C ALA D 72 10.15 -5.25 -2.67
N GLN D 73 9.00 -4.79 -3.16
CA GLN D 73 8.75 -4.78 -4.59
C GLN D 73 9.66 -3.76 -5.27
N ILE D 74 9.78 -2.59 -4.65
CA ILE D 74 10.56 -1.48 -5.20
C ILE D 74 12.03 -1.87 -5.34
N CYS D 75 12.65 -2.33 -4.24
CA CYS D 75 14.05 -2.73 -4.23
C CYS D 75 14.25 -4.14 -4.77
N GLN D 76 13.14 -4.84 -5.07
CA GLN D 76 13.14 -6.16 -5.69
C GLN D 76 13.76 -7.19 -4.76
N MET D 77 13.25 -7.23 -3.52
CA MET D 77 13.79 -8.08 -2.47
C MET D 77 12.68 -8.93 -1.84
N GLU D 78 11.73 -9.39 -2.66
CA GLU D 78 10.64 -10.23 -2.19
C GLU D 78 11.19 -11.49 -1.53
N SER D 79 12.24 -12.08 -2.12
CA SER D 79 12.78 -13.35 -1.64
C SER D 79 13.04 -13.29 -0.12
N LEU D 80 13.40 -12.11 0.39
CA LEU D 80 13.92 -11.94 1.74
C LEU D 80 12.83 -11.96 2.81
N LEU D 81 11.59 -11.62 2.44
CA LEU D 81 10.51 -11.39 3.40
C LEU D 81 10.20 -12.64 4.21
N GLN D 82 10.37 -13.81 3.58
CA GLN D 82 10.05 -15.09 4.20
C GLN D 82 11.04 -15.39 5.32
N ASP D 83 12.29 -14.91 5.16
CA ASP D 83 13.34 -15.14 6.14
C ASP D 83 13.16 -14.21 7.35
N LEU D 84 12.50 -13.07 7.17
CA LEU D 84 12.42 -12.07 8.24
C LEU D 84 11.61 -12.62 9.41
N ILE D 85 12.14 -12.44 10.63
CA ILE D 85 11.31 -12.58 11.83
C ILE D 85 10.63 -11.24 12.08
N HIS D 86 9.30 -11.26 12.20
CA HIS D 86 8.52 -10.03 12.18
C HIS D 86 7.32 -10.06 13.13
N GLU D 87 7.05 -8.92 13.76
CA GLU D 87 5.83 -8.73 14.51
C GLU D 87 5.13 -7.50 13.94
N GLU D 88 3.85 -7.66 13.60
CA GLU D 88 3.03 -6.55 13.14
C GLU D 88 2.93 -5.52 14.26
N ALA D 89 3.18 -4.26 13.90
CA ALA D 89 2.98 -3.12 14.79
C ALA D 89 2.77 -1.89 13.92
N GLY D 90 1.97 -0.95 14.42
CA GLY D 90 1.70 0.26 13.66
C GLY D 90 1.14 -0.05 12.29
N SER D 91 0.13 -0.94 12.24
CA SER D 91 -0.59 -1.21 11.02
C SER D 91 -1.23 0.08 10.52
N LEU D 92 -1.36 0.16 9.19
CA LEU D 92 -2.02 1.28 8.54
C LEU D 92 -3.41 0.84 8.08
N ALA D 93 -4.31 1.80 7.85
CA ALA D 93 -5.67 1.51 7.42
C ALA D 93 -5.88 1.85 5.94
N GLN D 94 -4.79 2.28 5.29
CA GLN D 94 -4.77 2.60 3.87
C GLN D 94 -3.40 2.19 3.30
N PRO D 95 -3.26 2.03 1.97
CA PRO D 95 -1.96 1.71 1.37
C PRO D 95 -0.91 2.75 1.72
N VAL D 96 0.34 2.30 1.66
CA VAL D 96 1.51 3.10 1.93
C VAL D 96 1.67 4.15 0.83
N GLN D 97 1.83 5.41 1.25
CA GLN D 97 2.09 6.55 0.37
C GLN D 97 3.53 7.03 0.58
N CYS D 98 4.48 6.52 -0.22
CA CYS D 98 5.88 6.89 -0.06
C CYS D 98 6.06 8.40 -0.18
N GLY D 99 6.87 8.98 0.72
CA GLY D 99 7.24 10.38 0.63
C GLY D 99 6.26 11.34 1.30
N GLU D 100 5.13 10.84 1.79
CA GLU D 100 4.05 11.69 2.28
C GLU D 100 4.07 11.74 3.81
N ILE D 101 3.97 12.95 4.35
CA ILE D 101 3.83 13.17 5.79
C ILE D 101 2.36 13.06 6.16
N THR D 102 1.98 12.04 6.95
CA THR D 102 0.59 11.82 7.33
C THR D 102 0.51 11.44 8.79
N PRO D 103 -0.53 11.89 9.54
CA PRO D 103 -0.73 11.46 10.92
C PRO D 103 -0.64 9.95 11.12
N GLN D 104 -1.11 9.18 10.14
CA GLN D 104 -1.14 7.73 10.18
C GLN D 104 0.28 7.18 10.43
N ALA D 105 1.19 7.64 9.58
CA ALA D 105 2.56 7.17 9.60
C ALA D 105 3.24 7.66 10.88
N GLY D 106 2.80 8.82 11.38
CA GLY D 106 3.25 9.30 12.67
C GLY D 106 2.96 8.28 13.77
N LEU D 107 1.72 7.80 13.79
CA LEU D 107 1.28 6.85 14.79
C LEU D 107 1.98 5.50 14.59
N SER D 108 2.12 5.07 13.34
CA SER D 108 2.78 3.81 13.03
C SER D 108 4.16 3.79 13.70
N THR D 109 4.93 4.87 13.48
CA THR D 109 6.30 4.99 13.94
C THR D 109 6.40 4.71 15.44
N VAL D 110 5.49 5.34 16.20
CA VAL D 110 5.51 5.32 17.66
C VAL D 110 5.06 3.94 18.15
N GLN D 111 4.07 3.36 17.49
CA GLN D 111 3.58 2.03 17.84
C GLN D 111 4.66 0.98 17.61
N SER D 112 5.35 1.09 16.47
CA SER D 112 6.42 0.19 16.12
C SER D 112 7.54 0.28 17.16
N ALA D 113 7.96 1.51 17.46
CA ALA D 113 9.04 1.73 18.41
C ALA D 113 8.61 1.26 19.80
N THR D 114 7.32 1.46 20.11
CA THR D 114 6.76 1.02 21.38
C THR D 114 6.78 -0.50 21.46
N ALA D 115 6.43 -1.19 20.36
CA ALA D 115 6.42 -2.64 20.34
C ALA D 115 7.84 -3.15 20.58
N ALA D 116 8.82 -2.50 19.94
CA ALA D 116 10.20 -2.93 20.03
C ALA D 116 10.72 -2.79 21.45
N ILE D 117 10.34 -1.69 22.11
CA ILE D 117 10.89 -1.37 23.42
C ILE D 117 10.35 -2.33 24.48
N ARG D 118 9.06 -2.69 24.36
CA ARG D 118 8.41 -3.58 25.31
C ARG D 118 8.98 -5.00 25.17
N ALA D 119 9.43 -5.31 23.95
CA ALA D 119 10.09 -6.57 23.70
C ALA D 119 11.45 -6.62 24.40
N CYS D 120 12.13 -5.47 24.46
CA CYS D 120 13.39 -5.34 25.20
C CYS D 120 13.11 -5.40 26.70
N GLU D 121 12.12 -4.64 27.17
CA GLU D 121 11.77 -4.65 28.59
C GLU D 121 11.54 -6.07 29.10
N SER D 122 10.75 -6.85 28.34
CA SER D 122 10.31 -8.16 28.80
C SER D 122 11.41 -9.21 28.64
N GLY D 123 12.46 -8.87 27.89
CA GLY D 123 13.64 -9.73 27.79
C GLY D 123 13.67 -10.56 26.50
N GLU D 124 12.74 -10.33 25.58
CA GLU D 124 12.73 -11.05 24.33
C GLU D 124 13.94 -10.66 23.48
N VAL D 125 14.40 -9.41 23.63
CA VAL D 125 15.59 -8.94 22.93
C VAL D 125 16.44 -8.15 23.93
N ASP D 126 17.70 -7.92 23.56
CA ASP D 126 18.69 -7.33 24.44
C ASP D 126 18.90 -5.86 24.12
N ALA D 127 18.49 -5.41 22.94
CA ALA D 127 18.56 -3.98 22.62
C ALA D 127 17.67 -3.66 21.44
N VAL D 128 17.48 -2.37 21.16
CA VAL D 128 16.55 -1.91 20.15
C VAL D 128 17.22 -0.88 19.26
N ILE D 129 16.98 -1.01 17.95
CA ILE D 129 17.35 0.03 17.01
C ILE D 129 16.07 0.57 16.36
N ALA D 130 15.92 1.92 16.39
CA ALA D 130 14.78 2.56 15.73
C ALA D 130 15.26 3.26 14.45
N CYS D 131 14.67 2.87 13.30
CA CYS D 131 14.91 3.55 12.04
C CYS D 131 14.26 4.92 12.10
N PRO D 132 14.54 5.84 11.14
CA PRO D 132 14.09 7.23 11.24
C PRO D 132 12.60 7.49 11.35
N HIS D 133 12.27 8.49 12.16
CA HIS D 133 10.93 9.03 12.35
C HIS D 133 10.78 10.36 11.60
N HIS D 134 9.56 10.89 11.53
CA HIS D 134 9.35 12.26 11.08
C HIS D 134 8.60 13.03 12.18
N GLU D 135 9.26 14.03 12.79
CA GLU D 135 8.72 14.74 13.94
C GLU D 135 7.33 15.27 13.61
N THR D 136 7.19 15.89 12.43
CA THR D 136 5.95 16.55 12.03
C THR D 136 4.82 15.54 11.97
N ALA D 137 5.10 14.38 11.37
CA ALA D 137 4.12 13.31 11.22
C ALA D 137 3.59 12.90 12.60
N ILE D 138 4.51 12.77 13.56
CA ILE D 138 4.16 12.30 14.89
C ILE D 138 3.34 13.37 15.60
N HIS D 139 3.73 14.63 15.41
CA HIS D 139 3.03 15.74 16.03
C HIS D 139 1.62 15.85 15.45
N ARG D 140 1.47 15.61 14.14
CA ARG D 140 0.18 15.74 13.49
C ARG D 140 -0.78 14.64 13.93
N ALA D 141 -0.28 13.58 14.55
CA ALA D 141 -1.15 12.58 15.14
C ALA D 141 -1.61 12.99 16.54
N GLY D 142 -1.06 14.09 17.06
CA GLY D 142 -1.37 14.56 18.40
C GLY D 142 -0.54 13.86 19.46
N ILE D 143 0.69 13.49 19.12
CA ILE D 143 1.55 12.71 20.00
C ILE D 143 2.77 13.56 20.38
N ALA D 144 2.99 13.69 21.68
CA ALA D 144 4.15 14.35 22.24
C ALA D 144 5.40 13.53 21.90
N PHE D 145 6.40 14.20 21.33
CA PHE D 145 7.66 13.56 21.01
C PHE D 145 8.79 14.58 21.03
N SER D 146 9.65 14.47 22.03
CA SER D 146 10.81 15.34 22.20
C SER D 146 12.12 14.56 21.99
N GLY D 147 12.04 13.34 21.44
CA GLY D 147 13.22 12.49 21.32
C GLY D 147 13.08 11.15 22.04
N TYR D 148 13.95 10.20 21.69
CA TYR D 148 13.87 8.82 22.13
C TYR D 148 14.10 8.70 23.64
N PRO D 149 15.05 9.44 24.27
CA PRO D 149 15.10 9.49 25.74
C PRO D 149 13.72 9.62 26.39
N SER D 150 12.94 10.58 25.90
CA SER D 150 11.62 10.87 26.44
C SER D 150 10.69 9.68 26.17
N LEU D 151 10.59 9.28 24.90
CA LEU D 151 9.66 8.21 24.50
C LEU D 151 9.92 6.97 25.35
N LEU D 152 11.19 6.62 25.51
CA LEU D 152 11.57 5.39 26.19
C LEU D 152 11.11 5.46 27.64
N ALA D 153 11.35 6.61 28.30
CA ALA D 153 10.90 6.83 29.66
C ALA D 153 9.38 6.61 29.76
N ASN D 154 8.65 7.38 28.93
CA ASN D 154 7.20 7.29 28.85
C ASN D 154 6.76 5.83 28.76
N VAL D 155 7.29 5.09 27.79
CA VAL D 155 6.85 3.73 27.51
C VAL D 155 7.11 2.80 28.69
N LEU D 156 8.18 3.06 29.47
CA LEU D 156 8.61 2.17 30.54
C LEU D 156 8.07 2.61 31.90
N GLY D 157 7.45 3.79 31.95
CA GLY D 157 6.80 4.27 33.17
C GLY D 157 7.78 4.91 34.13
N MET D 158 8.90 5.43 33.60
CA MET D 158 9.94 6.04 34.40
C MET D 158 9.91 7.55 34.18
N ASN D 159 10.52 8.31 35.10
CA ASN D 159 10.72 9.74 34.88
C ASN D 159 11.84 9.89 33.86
N GLU D 160 11.87 11.05 33.19
CA GLU D 160 12.79 11.28 32.09
C GLU D 160 14.25 11.30 32.58
N ASP D 161 14.46 11.57 33.88
CA ASP D 161 15.78 11.68 34.49
C ASP D 161 16.27 10.34 35.05
N GLU D 162 15.50 9.25 34.85
CA GLU D 162 15.92 7.90 35.20
C GLU D 162 16.42 7.15 33.96
N VAL D 163 16.31 7.81 32.80
CA VAL D 163 16.88 7.33 31.55
C VAL D 163 18.07 8.23 31.26
N PHE D 164 19.18 7.63 30.88
CA PHE D 164 20.37 8.42 30.64
C PHE D 164 20.72 8.31 29.16
N LEU D 165 21.38 9.34 28.65
CA LEU D 165 21.86 9.33 27.27
C LEU D 165 23.36 9.11 27.24
N MET D 166 23.79 8.07 26.53
CA MET D 166 25.19 7.88 26.24
C MET D 166 25.45 8.20 24.77
N LEU D 167 26.36 9.16 24.51
CA LEU D 167 26.84 9.41 23.16
C LEU D 167 28.08 8.54 22.92
N VAL D 168 28.22 8.01 21.69
CA VAL D 168 29.32 7.12 21.33
C VAL D 168 29.85 7.56 19.97
N GLY D 169 31.13 7.88 19.91
CA GLY D 169 31.76 8.29 18.67
C GLY D 169 33.25 8.54 18.86
N ALA D 170 34.05 8.20 17.84
CA ALA D 170 35.49 8.41 17.83
C ALA D 170 36.15 7.83 19.08
N GLY D 171 35.71 6.62 19.47
CA GLY D 171 36.33 5.90 20.57
C GLY D 171 35.83 6.36 21.93
N LEU D 172 35.05 7.45 21.97
CA LEU D 172 34.58 8.03 23.22
C LEU D 172 33.20 7.45 23.55
N ARG D 173 33.01 7.12 24.82
CA ARG D 173 31.70 6.83 25.35
C ARG D 173 31.46 7.77 26.53
N ILE D 174 30.43 8.61 26.45
CA ILE D 174 30.15 9.56 27.51
C ILE D 174 28.68 9.49 27.88
N VAL D 175 28.40 8.96 29.08
CA VAL D 175 27.08 8.99 29.66
C VAL D 175 26.92 10.34 30.33
N HIS D 176 25.67 10.81 30.44
CA HIS D 176 25.36 12.08 31.03
C HIS D 176 24.41 11.88 32.21
N VAL D 177 24.72 12.47 33.36
CA VAL D 177 23.91 12.29 34.56
C VAL D 177 22.64 13.14 34.42
N THR D 178 22.81 14.33 33.83
CA THR D 178 21.71 15.21 33.50
C THR D 178 21.84 15.52 32.02
N LEU D 179 20.76 16.06 31.44
CA LEU D 179 20.68 16.20 29.99
C LEU D 179 19.94 17.49 29.65
N HIS D 180 18.71 17.39 29.13
CA HIS D 180 18.07 18.53 28.49
C HIS D 180 17.33 19.37 29.54
N GLU D 181 18.10 20.11 30.36
CA GLU D 181 17.54 21.04 31.32
C GLU D 181 18.55 22.17 31.56
N SER D 182 18.11 23.23 32.21
CA SER D 182 18.97 24.35 32.56
C SER D 182 20.11 23.86 33.43
N VAL D 183 21.25 24.56 33.36
CA VAL D 183 22.43 24.19 34.11
C VAL D 183 22.09 24.24 35.59
N ARG D 184 21.37 25.28 36.02
CA ARG D 184 21.09 25.47 37.43
C ARG D 184 20.17 24.34 37.91
N SER D 185 19.15 24.01 37.10
CA SER D 185 18.22 22.94 37.42
C SER D 185 18.95 21.61 37.56
N ALA D 186 19.99 21.41 36.73
CA ALA D 186 20.81 20.21 36.79
C ALA D 186 21.61 20.16 38.10
N LEU D 187 22.18 21.30 38.51
CA LEU D 187 23.00 21.35 39.71
C LEU D 187 22.15 21.00 40.93
N GLU D 188 20.89 21.43 40.92
CA GLU D 188 19.97 21.23 42.03
C GLU D 188 19.53 19.77 42.12
N ARG D 189 19.51 19.06 40.98
CA ARG D 189 19.07 17.67 40.93
C ARG D 189 20.21 16.70 41.28
N LEU D 190 21.46 17.14 41.11
CA LEU D 190 22.59 16.24 41.24
C LEU D 190 22.65 15.68 42.65
N SER D 191 22.81 14.36 42.77
CA SER D 191 23.05 13.72 44.05
C SER D 191 24.00 12.52 43.86
N PRO D 192 24.60 11.98 44.94
CA PRO D 192 25.43 10.78 44.83
C PRO D 192 24.70 9.64 44.14
N GLN D 193 23.43 9.44 44.49
CA GLN D 193 22.61 8.38 43.95
C GLN D 193 22.45 8.53 42.44
N LEU D 194 22.20 9.76 41.96
CA LEU D 194 21.90 9.97 40.55
C LEU D 194 23.13 9.63 39.72
N VAL D 195 24.31 9.93 40.27
CA VAL D 195 25.57 9.60 39.62
C VAL D 195 25.71 8.09 39.54
N ILE D 196 25.44 7.42 40.66
CA ILE D 196 25.60 5.98 40.76
C ILE D 196 24.72 5.32 39.71
N ASN D 197 23.46 5.76 39.61
CA ASN D 197 22.51 5.19 38.68
C ASN D 197 23.03 5.30 37.25
N ALA D 198 23.59 6.46 36.89
CA ALA D 198 24.06 6.71 35.53
C ALA D 198 25.18 5.72 35.18
N VAL D 199 26.11 5.52 36.11
CA VAL D 199 27.28 4.69 35.88
C VAL D 199 26.87 3.23 35.79
N ASP D 200 25.99 2.79 36.70
CA ASP D 200 25.45 1.43 36.67
C ASP D 200 24.81 1.16 35.31
N ALA D 201 23.96 2.10 34.86
CA ALA D 201 23.27 1.97 33.60
C ALA D 201 24.28 1.88 32.45
N ALA D 202 25.36 2.67 32.56
CA ALA D 202 26.34 2.82 31.49
C ALA D 202 27.34 1.67 31.47
N VAL D 203 27.62 1.07 32.62
CA VAL D 203 28.51 -0.08 32.69
C VAL D 203 27.79 -1.30 32.12
N GLN D 204 26.52 -1.50 32.51
CA GLN D 204 25.67 -2.50 31.87
C GLN D 204 25.71 -2.33 30.35
N THR D 205 25.45 -1.12 29.88
CA THR D 205 25.46 -0.79 28.46
C THR D 205 26.83 -1.08 27.85
N CYS D 206 27.91 -0.93 28.62
CA CYS D 206 29.26 -1.17 28.15
C CYS D 206 29.51 -2.66 27.90
N THR D 207 28.90 -3.55 28.69
CA THR D 207 29.03 -4.98 28.47
C THR D 207 28.45 -5.32 27.10
N LEU D 208 27.28 -4.75 26.81
CA LEU D 208 26.58 -4.99 25.56
C LEU D 208 27.40 -4.44 24.38
N LEU D 209 28.09 -3.33 24.60
CA LEU D 209 28.85 -2.70 23.53
C LEU D 209 30.14 -3.47 23.28
N GLY D 210 30.52 -4.33 24.23
CA GLY D 210 31.63 -5.25 24.08
C GLY D 210 32.80 -4.97 25.01
N VAL D 211 32.58 -4.18 26.08
CA VAL D 211 33.65 -3.83 27.02
C VAL D 211 33.22 -4.26 28.42
N PRO D 212 33.48 -5.53 28.82
CA PRO D 212 32.86 -6.08 30.03
C PRO D 212 33.35 -5.43 31.34
N LYS D 213 34.65 -5.12 31.40
CA LYS D 213 35.27 -4.63 32.63
C LYS D 213 35.89 -3.27 32.38
N PRO D 214 35.07 -2.21 32.17
CA PRO D 214 35.59 -0.94 31.69
C PRO D 214 36.37 -0.09 32.70
N GLN D 215 37.29 0.71 32.18
CA GLN D 215 37.94 1.77 32.92
C GLN D 215 37.10 3.04 32.82
N VAL D 216 36.70 3.61 33.97
CA VAL D 216 35.68 4.65 34.05
C VAL D 216 36.31 5.94 34.56
N ALA D 217 35.91 7.08 33.98
CA ALA D 217 36.31 8.38 34.46
C ALA D 217 35.07 9.23 34.77
N VAL D 218 35.10 9.92 35.91
CA VAL D 218 33.98 10.76 36.32
C VAL D 218 34.41 12.21 36.26
N PHE D 219 33.69 13.02 35.46
CA PHE D 219 33.93 14.45 35.40
C PHE D 219 33.53 15.12 36.71
N GLY D 220 34.25 16.20 37.04
CA GLY D 220 33.86 17.10 38.12
C GLY D 220 32.73 18.03 37.68
N ILE D 221 31.87 18.37 38.63
CA ILE D 221 30.82 19.35 38.42
C ILE D 221 31.46 20.71 38.24
N ASN D 222 32.42 21.03 39.11
CA ASN D 222 33.09 22.32 39.07
C ASN D 222 34.41 22.18 38.32
N PRO D 223 34.96 23.30 37.82
CA PRO D 223 36.31 23.30 37.25
C PRO D 223 37.32 22.63 38.18
N HIS D 224 38.19 21.79 37.58
CA HIS D 224 39.25 21.11 38.31
C HIS D 224 38.67 20.21 39.40
N ALA D 225 37.40 19.81 39.24
CA ALA D 225 36.68 18.98 40.19
C ALA D 225 36.67 19.64 41.56
N SER D 226 36.42 20.96 41.56
CA SER D 226 36.34 21.76 42.78
C SER D 226 37.71 21.99 43.38
N GLU D 227 38.74 21.29 42.89
CA GLU D 227 40.10 21.41 43.41
C GLU D 227 40.06 21.19 44.93
N GLY D 228 39.55 20.02 45.34
CA GLY D 228 39.22 19.78 46.74
C GLY D 228 37.87 20.42 47.03
N GLN D 229 37.89 21.58 47.71
CA GLN D 229 36.72 22.43 47.93
C GLN D 229 36.99 23.89 47.58
N LEU D 230 38.09 24.17 46.87
CA LEU D 230 38.49 25.53 46.59
C LEU D 230 37.44 26.22 45.69
N PHE D 231 36.95 25.51 44.67
CA PHE D 231 35.99 26.05 43.72
C PHE D 231 34.64 25.37 43.93
N GLY D 232 34.06 25.50 45.13
CA GLY D 232 32.74 24.97 45.41
C GLY D 232 32.79 23.63 46.16
N LEU D 233 31.68 23.31 46.83
CA LEU D 233 31.56 22.13 47.67
C LEU D 233 30.86 20.99 46.93
N GLU D 234 30.38 21.22 45.71
CA GLU D 234 29.50 20.28 45.04
C GLU D 234 30.22 18.95 44.76
N ASP D 235 31.52 19.00 44.47
CA ASP D 235 32.21 17.79 44.11
C ASP D 235 32.50 16.95 45.36
N SER D 236 32.65 17.58 46.52
CA SER D 236 32.93 16.83 47.74
C SER D 236 31.66 16.21 48.28
N GLN D 237 30.50 16.76 47.89
CA GLN D 237 29.19 16.29 48.36
C GLN D 237 28.61 15.23 47.44
N ILE D 238 28.99 15.25 46.15
CA ILE D 238 28.27 14.50 45.13
C ILE D 238 29.18 13.47 44.43
N THR D 239 30.26 13.93 43.77
CA THR D 239 31.04 13.07 42.90
C THR D 239 32.07 12.27 43.70
N VAL D 240 32.64 12.87 44.76
CA VAL D 240 33.63 12.18 45.57
C VAL D 240 32.95 11.00 46.29
N PRO D 241 31.84 11.20 47.02
CA PRO D 241 31.13 10.08 47.67
C PRO D 241 30.69 8.99 46.68
N ALA D 242 30.27 9.39 45.48
CA ALA D 242 29.76 8.46 44.49
C ALA D 242 30.87 7.53 43.99
N VAL D 243 32.07 8.09 43.76
CA VAL D 243 33.22 7.34 43.26
C VAL D 243 33.67 6.31 44.29
N GLU D 244 33.55 6.65 45.58
CA GLU D 244 34.05 5.76 46.62
C GLU D 244 33.06 4.61 46.84
N THR D 245 31.76 4.84 46.61
CA THR D 245 30.76 3.79 46.69
C THR D 245 30.94 2.80 45.54
N LEU D 246 31.24 3.33 44.34
CA LEU D 246 31.36 2.53 43.12
C LEU D 246 32.63 1.68 43.14
N ARG D 247 33.69 2.16 43.78
CA ARG D 247 34.89 1.36 44.01
C ARG D 247 34.59 0.21 44.96
N LYS D 248 33.88 0.49 46.07
CA LYS D 248 33.62 -0.51 47.08
C LYS D 248 32.79 -1.68 46.53
N ARG D 249 32.02 -1.45 45.46
CA ARG D 249 31.30 -2.52 44.77
C ARG D 249 32.20 -3.18 43.72
N GLY D 250 33.38 -2.61 43.49
CA GLY D 250 34.46 -3.29 42.77
C GLY D 250 34.63 -2.81 41.33
N LEU D 251 34.29 -1.53 41.06
CA LEU D 251 34.47 -0.98 39.73
C LEU D 251 35.77 -0.17 39.67
N THR D 252 36.40 -0.17 38.49
CA THR D 252 37.60 0.60 38.21
C THR D 252 37.21 2.01 37.79
N VAL D 253 37.43 2.99 38.69
CA VAL D 253 36.87 4.33 38.60
C VAL D 253 37.89 5.35 39.10
N ASP D 254 38.30 6.27 38.21
CA ASP D 254 39.13 7.40 38.60
C ASP D 254 38.25 8.66 38.65
N GLY D 255 38.51 9.53 39.63
CA GLY D 255 37.91 10.85 39.66
C GLY D 255 37.30 11.20 41.02
N PRO D 256 36.57 12.32 41.12
CA PRO D 256 36.34 13.22 39.99
C PRO D 256 37.62 13.94 39.54
N MET D 257 37.71 14.19 38.24
CA MET D 257 38.75 15.04 37.69
C MET D 257 38.08 16.10 36.83
N GLY D 258 38.81 17.19 36.53
CA GLY D 258 38.34 18.19 35.60
C GLY D 258 38.15 17.59 34.21
N ALA D 259 36.99 17.86 33.59
CA ALA D 259 36.58 17.16 32.38
C ALA D 259 37.61 17.37 31.28
N ASP D 260 38.11 18.59 31.18
CA ASP D 260 39.13 18.96 30.19
C ASP D 260 40.33 18.03 30.30
N MET D 261 40.84 17.88 31.52
CA MET D 261 42.13 17.20 31.71
C MET D 261 41.96 15.70 31.43
N VAL D 262 40.84 15.10 31.85
CA VAL D 262 40.64 13.66 31.74
C VAL D 262 40.51 13.27 30.26
N LEU D 263 39.56 13.90 29.57
CA LEU D 263 39.30 13.57 28.18
C LEU D 263 40.60 13.59 27.39
N ALA D 264 41.50 14.54 27.70
CA ALA D 264 42.73 14.71 26.95
C ALA D 264 43.62 13.47 27.05
N GLN D 265 43.60 12.79 28.20
CA GLN D 265 44.44 11.60 28.43
C GLN D 265 43.99 10.45 27.54
N ARG D 266 42.69 10.38 27.21
CA ARG D 266 42.16 9.40 26.25
C ARG D 266 42.56 7.98 26.68
N LYS D 267 42.24 7.59 27.90
CA LYS D 267 42.69 6.30 28.43
C LYS D 267 41.57 5.60 29.19
N HIS D 268 40.32 6.01 28.97
CA HIS D 268 39.18 5.36 29.63
C HIS D 268 38.18 4.89 28.58
N ASP D 269 37.35 3.89 28.96
CA ASP D 269 36.36 3.31 28.07
C ASP D 269 35.00 3.97 28.28
N LEU D 270 34.84 4.76 29.36
CA LEU D 270 33.58 5.41 29.67
C LEU D 270 33.87 6.67 30.48
N TYR D 271 33.34 7.81 30.02
CA TYR D 271 33.43 9.06 30.76
C TYR D 271 32.03 9.40 31.25
N VAL D 272 31.95 10.01 32.45
CA VAL D 272 30.69 10.31 33.08
C VAL D 272 30.55 11.83 33.26
N ALA D 273 29.76 12.42 32.36
CA ALA D 273 29.60 13.86 32.30
C ALA D 273 28.49 14.27 33.24
N MET D 274 28.66 15.44 33.89
CA MET D 274 27.68 15.95 34.82
C MET D 274 26.63 16.79 34.10
N LEU D 275 27.05 17.55 33.10
CA LEU D 275 26.14 18.42 32.35
C LEU D 275 26.19 18.07 30.87
N HIS D 276 25.11 18.42 30.17
CA HIS D 276 24.96 18.18 28.75
C HIS D 276 26.23 18.57 28.00
N ASP D 277 26.60 19.84 28.09
CA ASP D 277 27.63 20.41 27.24
C ASP D 277 28.98 19.75 27.51
N GLN D 278 29.21 19.27 28.73
CA GLN D 278 30.49 18.67 29.06
C GLN D 278 30.73 17.44 28.20
N GLY D 279 29.65 16.76 27.80
CA GLY D 279 29.76 15.51 27.04
C GLY D 279 29.48 15.67 25.54
N HIS D 280 28.77 16.73 25.16
CA HIS D 280 28.31 16.90 23.78
C HIS D 280 29.35 17.68 22.97
N ILE D 281 30.16 18.54 23.62
CA ILE D 281 31.18 19.28 22.91
C ILE D 281 32.24 18.32 22.37
N PRO D 282 32.86 17.47 23.22
CA PRO D 282 33.86 16.53 22.74
C PRO D 282 33.36 15.71 21.57
N ILE D 283 32.11 15.25 21.66
CA ILE D 283 31.55 14.29 20.72
C ILE D 283 31.30 14.94 19.35
N LYS D 284 30.71 16.13 19.34
CA LYS D 284 30.34 16.77 18.08
C LYS D 284 31.55 17.37 17.37
N LEU D 285 32.63 17.58 18.12
CA LEU D 285 33.86 18.09 17.57
C LEU D 285 34.63 16.95 16.88
N LEU D 286 34.68 15.78 17.52
CA LEU D 286 35.52 14.68 17.05
C LEU D 286 34.78 13.72 16.13
N ALA D 287 33.45 13.61 16.27
CA ALA D 287 32.71 12.63 15.50
C ALA D 287 31.52 13.31 14.82
N PRO D 288 31.78 14.20 13.82
CA PRO D 288 30.74 15.08 13.28
C PRO D 288 29.74 14.27 12.47
N ASN D 289 30.12 13.04 12.13
CA ASN D 289 29.21 12.22 11.38
C ASN D 289 28.93 10.88 12.05
N GLY D 290 29.96 10.16 12.52
CA GLY D 290 29.81 8.72 12.75
C GLY D 290 29.35 8.34 14.16
N ALA D 291 28.44 9.13 14.76
CA ALA D 291 28.20 9.12 16.20
C ALA D 291 26.80 8.62 16.56
N SER D 292 26.71 7.83 17.64
CA SER D 292 25.47 7.18 18.02
C SER D 292 24.94 7.81 19.30
N ALA D 293 23.61 7.90 19.43
CA ALA D 293 22.97 8.30 20.68
C ALA D 293 22.25 7.09 21.29
N LEU D 294 22.75 6.61 22.43
CA LEU D 294 22.14 5.49 23.14
C LEU D 294 21.33 5.97 24.34
N SER D 295 20.01 5.70 24.29
CA SER D 295 19.13 5.99 25.39
C SER D 295 19.02 4.71 26.22
N ILE D 296 19.28 4.78 27.53
CA ILE D 296 19.42 3.58 28.35
C ILE D 296 18.47 3.68 29.56
N GLY D 297 17.60 2.67 29.68
CA GLY D 297 16.66 2.53 30.78
C GLY D 297 16.92 1.21 31.53
N GLY D 298 15.86 0.42 31.72
CA GLY D 298 15.93 -0.72 32.60
C GLY D 298 16.08 -1.95 31.73
N ARG D 299 17.32 -2.23 31.33
CA ARG D 299 17.64 -3.32 30.43
C ARG D 299 17.62 -2.81 28.99
N VAL D 300 16.99 -1.66 28.73
CA VAL D 300 16.69 -1.25 27.38
C VAL D 300 17.78 -0.32 26.86
N VAL D 301 18.51 -0.71 25.83
CA VAL D 301 19.40 0.20 25.13
C VAL D 301 18.76 0.50 23.78
N LEU D 302 18.39 1.76 23.54
CA LEU D 302 17.77 2.19 22.30
C LEU D 302 18.71 3.14 21.56
N SER D 303 18.98 2.85 20.29
CA SER D 303 19.75 3.76 19.45
C SER D 303 18.95 4.12 18.19
N SER D 304 19.09 5.36 17.75
CA SER D 304 18.66 5.75 16.42
C SER D 304 19.79 5.42 15.45
N VAL D 305 19.41 5.33 14.17
CA VAL D 305 20.30 5.53 13.05
C VAL D 305 20.57 7.04 13.02
N GLY D 306 21.72 7.47 12.48
CA GLY D 306 22.08 8.87 12.64
C GLY D 306 21.65 9.74 11.46
N HIS D 307 20.39 9.59 11.00
CA HIS D 307 19.93 10.40 9.87
C HIS D 307 18.40 10.51 9.85
N GLY D 308 17.86 11.38 8.99
CA GLY D 308 16.43 11.65 8.90
C GLY D 308 15.71 10.64 8.00
N SER D 309 14.42 10.86 7.76
CA SER D 309 13.55 9.90 7.09
C SER D 309 13.59 10.09 5.57
N ALA D 310 14.09 11.24 5.11
CA ALA D 310 14.38 11.48 3.71
C ALA D 310 13.15 11.25 2.80
N MET D 311 12.09 12.00 3.05
CA MET D 311 10.80 11.76 2.43
C MET D 311 10.82 11.93 0.91
N ASP D 312 11.76 12.72 0.39
CA ASP D 312 11.75 13.05 -1.03
C ASP D 312 12.35 11.94 -1.88
N ILE D 313 13.11 11.02 -1.25
CA ILE D 313 13.70 9.89 -1.98
C ILE D 313 13.09 8.58 -1.52
N ALA D 314 12.10 8.65 -0.62
CA ALA D 314 11.41 7.46 -0.14
C ALA D 314 10.93 6.61 -1.30
N GLY D 315 11.37 5.34 -1.34
CA GLY D 315 10.96 4.40 -2.36
C GLY D 315 11.71 4.54 -3.68
N ARG D 316 12.75 5.38 -3.73
CA ARG D 316 13.41 5.73 -4.99
C ARG D 316 14.71 4.96 -5.17
N GLY D 317 15.11 4.15 -4.18
CA GLY D 317 16.27 3.28 -4.31
C GLY D 317 17.59 4.06 -4.25
N VAL D 318 17.61 5.16 -3.50
CA VAL D 318 18.74 6.05 -3.40
C VAL D 318 19.46 5.91 -2.05
N ALA D 319 18.73 5.40 -1.06
CA ALA D 319 19.26 5.33 0.30
C ALA D 319 19.95 3.98 0.52
N ASP D 320 21.12 4.02 1.18
CA ASP D 320 21.82 2.81 1.58
C ASP D 320 21.62 2.67 3.09
N ALA D 321 22.09 1.54 3.61
CA ALA D 321 21.82 1.16 4.98
C ALA D 321 23.05 1.26 5.85
N THR D 322 24.09 1.98 5.40
CA THR D 322 25.39 1.98 6.07
C THR D 322 25.26 2.46 7.52
N ALA D 323 24.42 3.47 7.73
CA ALA D 323 24.20 4.04 9.05
C ALA D 323 23.52 2.99 9.94
N LEU D 324 22.56 2.28 9.37
CA LEU D 324 21.82 1.28 10.13
C LEU D 324 22.76 0.12 10.48
N LEU D 325 23.60 -0.29 9.53
CA LEU D 325 24.51 -1.41 9.71
C LEU D 325 25.57 -1.07 10.75
N ARG D 326 26.07 0.17 10.72
CA ARG D 326 26.99 0.66 11.73
C ARG D 326 26.36 0.57 13.13
N THR D 327 25.07 0.86 13.22
CA THR D 327 24.37 0.86 14.50
C THR D 327 24.18 -0.58 15.01
N ILE D 328 23.88 -1.49 14.08
CA ILE D 328 23.71 -2.91 14.38
C ILE D 328 25.05 -3.49 14.85
N ALA D 329 26.14 -3.13 14.17
CA ALA D 329 27.47 -3.58 14.56
C ALA D 329 27.78 -3.13 15.98
N LEU D 330 27.30 -1.93 16.35
CA LEU D 330 27.61 -1.31 17.63
C LEU D 330 26.87 -2.02 18.77
N LEU D 331 25.56 -2.27 18.58
CA LEU D 331 24.73 -2.91 19.59
C LEU D 331 24.84 -4.44 19.52
N GLY D 332 25.47 -4.97 18.46
CA GLY D 332 25.57 -6.40 18.28
C GLY D 332 26.98 -6.93 18.45
N ALA D 333 27.87 -6.22 19.18
CA ALA D 333 29.23 -6.72 19.42
C ALA D 333 29.19 -7.85 20.44
N GLN D 334 30.14 -8.76 20.35
CA GLN D 334 30.12 -9.90 21.27
C GLN D 334 30.90 -9.56 22.53
N PRO D 335 30.53 -10.17 23.68
CA PRO D 335 31.25 -9.93 24.94
C PRO D 335 32.69 -10.43 24.88
#